data_3BXZ
#
_entry.id   3BXZ
#
_cell.length_a   177.823
_cell.length_b   71.361
_cell.length_c   119.536
_cell.angle_alpha   90.000
_cell.angle_beta   128.820
_cell.angle_gamma   90.000
#
_symmetry.space_group_name_H-M   'C 1 2 1'
#
loop_
_entity.id
_entity.type
_entity.pdbx_description
1 polymer 'Preprotein translocase subunit secA'
2 non-polymer 'MAGNESIUM ION'
3 non-polymer SPERMIDINE
4 non-polymer "ADENOSINE-5'-DIPHOSPHATE"
5 water water
#
_entity_poly.entity_id   1
_entity_poly.type   'polypeptide(L)'
_entity_poly.pdbx_seq_one_letter_code
;MHHHHHHLTKVFGSRNDRTLRRMRKVVNIINAMEPEMEKLSDEELKGKTAEFRARLEKGEVLENLIPEAFAVVREASKRV
FGMRHFDVQLLGGMVLNERCIAEMRTGEGKTLTATLPAYLNALTGKGVHVVTVNDYLAQRDAENNRPLFEFLGLTVGINL
PGMPAPAKREAYAADITYGTNNEYGFDYLRDNMAFSPEERVQRKLHYALVDEVDSILIDEARTPLIISGANQTLASITFQ
NYFRLYEKLAGMTGTADTEAFEFSSIYKLDTVVVPTNRPMIRKDLPDLVYMTEAEKIQAIIEDIKERTAKGQPVLVGTIS
IEKSELVSNELTKAGIKHNVLNAKFHANEAAIVAQAGYPAAVTIATNMAGRGTDIVLGGSWQAEVAALENPTAEQIEKIK
ADWQVRHDAVLEAGGLHIIGTERHESRRIDNQLRGRSGRQGDAGSSRFYLSMEDALMRIFASDRVSGMMRK
;
_entity_poly.pdbx_strand_id   A,B
#
# COMPACT_ATOMS: atom_id res chain seq x y z
N GLY A 13 -10.57 -38.65 -2.32
CA GLY A 13 -10.80 -40.13 -2.19
C GLY A 13 -11.45 -40.70 -3.43
N SER A 14 -12.68 -41.20 -3.28
CA SER A 14 -13.39 -41.75 -4.42
C SER A 14 -13.77 -40.56 -5.29
N ARG A 15 -13.73 -39.37 -4.71
CA ARG A 15 -14.06 -38.14 -5.44
C ARG A 15 -12.93 -37.77 -6.39
N ASN A 16 -11.69 -37.82 -5.91
CA ASN A 16 -10.56 -37.50 -6.75
C ASN A 16 -10.52 -38.49 -7.90
N ASP A 17 -10.94 -39.72 -7.64
CA ASP A 17 -10.96 -40.77 -8.65
C ASP A 17 -11.98 -40.50 -9.75
N ARG A 18 -13.25 -40.37 -9.36
CA ARG A 18 -14.32 -40.15 -10.32
C ARG A 18 -14.03 -38.93 -11.18
N THR A 19 -13.42 -37.92 -10.58
CA THR A 19 -13.07 -36.68 -11.29
C THR A 19 -11.90 -36.89 -12.24
N LEU A 20 -10.96 -37.75 -11.85
CA LEU A 20 -9.79 -38.03 -12.68
C LEU A 20 -10.23 -38.98 -13.79
N ARG A 21 -11.01 -39.99 -13.44
CA ARG A 21 -11.53 -40.94 -14.41
C ARG A 21 -12.34 -40.15 -15.43
N ARG A 22 -13.19 -39.26 -14.89
CA ARG A 22 -14.06 -38.38 -15.65
C ARG A 22 -13.40 -37.81 -16.90
N MET A 23 -12.36 -37.02 -16.67
CA MET A 23 -11.62 -36.38 -17.76
C MET A 23 -10.56 -37.29 -18.35
N ARG A 24 -10.24 -38.35 -17.62
CA ARG A 24 -9.24 -39.30 -18.09
C ARG A 24 -9.65 -39.78 -19.49
N LYS A 25 -10.96 -39.85 -19.72
CA LYS A 25 -11.48 -40.31 -21.00
C LYS A 25 -11.26 -39.24 -22.07
N VAL A 26 -11.52 -38.00 -21.70
CA VAL A 26 -11.34 -36.87 -22.61
C VAL A 26 -9.89 -36.86 -23.05
N VAL A 27 -9.03 -37.43 -22.22
CA VAL A 27 -7.62 -37.53 -22.53
C VAL A 27 -7.45 -38.53 -23.66
N ASN A 28 -8.17 -39.65 -23.57
CA ASN A 28 -8.08 -40.68 -24.60
C ASN A 28 -8.46 -40.09 -25.95
N ILE A 29 -9.49 -39.24 -25.94
CA ILE A 29 -9.96 -38.58 -27.16
C ILE A 29 -8.84 -37.78 -27.80
N ILE A 30 -8.16 -36.98 -26.98
CA ILE A 30 -7.06 -36.14 -27.44
C ILE A 30 -5.97 -36.95 -28.14
N ASN A 31 -5.73 -38.16 -27.64
CA ASN A 31 -4.72 -39.05 -28.22
C ASN A 31 -5.18 -39.60 -29.57
N ALA A 32 -6.51 -39.67 -29.74
CA ALA A 32 -7.09 -40.18 -30.97
C ALA A 32 -6.97 -39.17 -32.11
N MET A 33 -6.98 -37.89 -31.76
CA MET A 33 -6.87 -36.83 -32.74
C MET A 33 -5.42 -36.59 -33.10
N GLU A 34 -4.52 -37.35 -32.48
CA GLU A 34 -3.10 -37.15 -32.75
C GLU A 34 -2.67 -37.53 -34.15
N PRO A 35 -3.15 -38.68 -34.66
CA PRO A 35 -2.75 -39.06 -36.01
C PRO A 35 -3.28 -38.09 -37.07
N GLU A 36 -4.39 -37.43 -36.74
CA GLU A 36 -5.00 -36.46 -37.65
C GLU A 36 -4.16 -35.19 -37.67
N MET A 37 -4.16 -34.48 -36.55
CA MET A 37 -3.40 -33.23 -36.38
C MET A 37 -1.97 -33.36 -36.88
N GLU A 38 -1.44 -34.58 -36.83
CA GLU A 38 -0.08 -34.85 -37.26
C GLU A 38 0.11 -34.60 -38.73
N LYS A 39 -1.01 -34.56 -39.46
CA LYS A 39 -0.95 -34.33 -40.90
C LYS A 39 -1.11 -32.86 -41.33
N LEU A 40 -1.98 -32.11 -40.64
CA LEU A 40 -2.20 -30.69 -40.95
C LEU A 40 -0.88 -29.94 -41.16
N SER A 41 -0.75 -29.20 -42.25
CA SER A 41 0.48 -28.47 -42.53
C SER A 41 0.71 -27.38 -41.47
N ASP A 42 1.91 -26.82 -41.46
CA ASP A 42 2.25 -25.77 -40.50
C ASP A 42 1.22 -24.66 -40.61
N GLU A 43 1.00 -24.16 -41.82
CA GLU A 43 0.04 -23.09 -42.05
C GLU A 43 -1.37 -23.54 -41.65
N GLU A 44 -1.69 -24.79 -41.94
CA GLU A 44 -3.00 -25.32 -41.59
C GLU A 44 -3.16 -25.45 -40.10
N LEU A 45 -2.05 -25.76 -39.42
CA LEU A 45 -2.03 -25.92 -37.98
C LEU A 45 -2.22 -24.55 -37.34
N LYS A 46 -1.30 -23.64 -37.65
CA LYS A 46 -1.34 -22.27 -37.13
C LYS A 46 -2.75 -21.71 -37.32
N GLY A 47 -3.27 -21.80 -38.54
CA GLY A 47 -4.59 -21.28 -38.83
C GLY A 47 -5.72 -22.00 -38.09
N LYS A 48 -5.34 -22.92 -37.23
CA LYS A 48 -6.33 -23.68 -36.47
C LYS A 48 -6.97 -22.75 -35.44
N THR A 49 -6.25 -21.68 -35.10
CA THR A 49 -6.72 -20.72 -34.11
C THR A 49 -7.84 -19.88 -34.69
N ALA A 50 -7.67 -19.42 -35.93
CA ALA A 50 -8.69 -18.62 -36.61
C ALA A 50 -10.02 -19.36 -36.50
N GLU A 51 -10.00 -20.63 -36.89
CA GLU A 51 -11.18 -21.49 -36.83
C GLU A 51 -11.79 -21.50 -35.43
N PHE A 52 -10.96 -21.74 -34.42
CA PHE A 52 -11.43 -21.78 -33.03
C PHE A 52 -12.05 -20.46 -32.64
N ARG A 53 -11.45 -19.36 -33.09
CA ARG A 53 -11.96 -18.04 -32.75
C ARG A 53 -13.31 -17.84 -33.42
N ALA A 54 -13.42 -18.20 -34.70
CA ALA A 54 -14.68 -18.07 -35.42
C ALA A 54 -15.72 -18.93 -34.70
N ARG A 55 -15.40 -20.21 -34.54
CA ARG A 55 -16.28 -21.16 -33.87
C ARG A 55 -16.85 -20.57 -32.60
N LEU A 56 -15.97 -20.08 -31.74
CA LEU A 56 -16.39 -19.49 -30.48
C LEU A 56 -17.18 -18.23 -30.73
N GLU A 57 -16.74 -17.45 -31.71
CA GLU A 57 -17.38 -16.21 -32.08
C GLU A 57 -18.81 -16.50 -32.50
N LYS A 58 -19.02 -17.69 -33.05
CA LYS A 58 -20.33 -18.11 -33.48
C LYS A 58 -21.15 -18.55 -32.27
N GLY A 59 -20.57 -18.38 -31.08
CA GLY A 59 -21.25 -18.73 -29.85
C GLY A 59 -21.19 -20.20 -29.45
N GLU A 60 -20.13 -20.89 -29.86
CA GLU A 60 -19.99 -22.30 -29.52
C GLU A 60 -19.51 -22.40 -28.08
N VAL A 61 -19.80 -23.52 -27.42
CA VAL A 61 -19.43 -23.74 -26.03
C VAL A 61 -17.90 -23.75 -25.79
N LEU A 62 -17.49 -23.02 -24.75
CA LEU A 62 -16.07 -22.91 -24.37
C LEU A 62 -15.41 -24.27 -24.20
N GLU A 63 -15.83 -24.99 -23.16
CA GLU A 63 -15.28 -26.30 -22.83
C GLU A 63 -15.67 -27.36 -23.86
N ASN A 64 -16.05 -26.93 -25.05
CA ASN A 64 -16.46 -27.89 -26.08
C ASN A 64 -15.32 -28.24 -27.01
N LEU A 65 -14.43 -27.28 -27.23
CA LEU A 65 -13.29 -27.53 -28.12
C LEU A 65 -12.02 -27.80 -27.36
N ILE A 66 -12.16 -28.34 -26.16
CA ILE A 66 -11.02 -28.69 -25.33
C ILE A 66 -10.23 -29.87 -25.94
N PRO A 67 -10.88 -31.02 -26.18
CA PRO A 67 -10.11 -32.12 -26.75
C PRO A 67 -9.40 -31.74 -28.04
N GLU A 68 -10.06 -30.95 -28.87
CA GLU A 68 -9.50 -30.53 -30.15
C GLU A 68 -8.40 -29.46 -29.95
N ALA A 69 -8.66 -28.50 -29.07
CA ALA A 69 -7.71 -27.43 -28.80
C ALA A 69 -6.42 -27.95 -28.18
N PHE A 70 -6.55 -28.81 -27.18
CA PHE A 70 -5.40 -29.40 -26.51
C PHE A 70 -4.61 -30.26 -27.48
N ALA A 71 -5.29 -30.89 -28.43
CA ALA A 71 -4.62 -31.73 -29.41
C ALA A 71 -3.73 -30.88 -30.30
N VAL A 72 -4.17 -29.63 -30.51
CA VAL A 72 -3.44 -28.67 -31.34
C VAL A 72 -2.20 -28.19 -30.63
N VAL A 73 -2.37 -27.78 -29.37
CA VAL A 73 -1.25 -27.30 -28.56
C VAL A 73 -0.16 -28.38 -28.45
N ARG A 74 -0.58 -29.63 -28.30
CA ARG A 74 0.40 -30.71 -28.22
C ARG A 74 1.21 -30.72 -29.50
N GLU A 75 0.50 -30.74 -30.63
CA GLU A 75 1.13 -30.77 -31.93
C GLU A 75 2.11 -29.64 -32.14
N ALA A 76 1.66 -28.41 -31.93
CA ALA A 76 2.51 -27.24 -32.11
C ALA A 76 3.76 -27.37 -31.24
N SER A 77 3.56 -27.76 -29.99
CA SER A 77 4.63 -27.93 -29.01
C SER A 77 5.64 -28.94 -29.51
N LYS A 78 5.13 -30.10 -29.91
CA LYS A 78 5.95 -31.17 -30.45
C LYS A 78 6.78 -30.65 -31.61
N ARG A 79 6.18 -29.75 -32.39
CA ARG A 79 6.86 -29.16 -33.52
C ARG A 79 7.83 -28.03 -33.16
N VAL A 80 7.38 -27.08 -32.35
CA VAL A 80 8.21 -25.94 -31.96
C VAL A 80 9.31 -26.26 -30.94
N PHE A 81 8.96 -26.98 -29.87
CA PHE A 81 9.92 -27.33 -28.82
C PHE A 81 10.35 -28.76 -29.01
N GLY A 82 9.47 -29.57 -29.59
CA GLY A 82 9.76 -30.97 -29.77
C GLY A 82 9.43 -31.67 -28.46
N MET A 83 8.33 -31.26 -27.85
CA MET A 83 7.88 -31.83 -26.60
C MET A 83 6.41 -32.18 -26.73
N ARG A 84 6.08 -33.47 -26.70
CA ARG A 84 4.70 -33.91 -26.79
C ARG A 84 4.13 -33.97 -25.39
N HIS A 85 3.10 -33.17 -25.13
CA HIS A 85 2.48 -33.18 -23.81
C HIS A 85 2.10 -34.59 -23.35
N PHE A 86 2.60 -34.97 -22.18
CA PHE A 86 2.26 -36.26 -21.60
C PHE A 86 0.76 -36.24 -21.39
N ASP A 87 0.09 -37.37 -21.57
CA ASP A 87 -1.35 -37.33 -21.37
C ASP A 87 -1.63 -36.87 -19.94
N VAL A 88 -0.76 -37.25 -19.02
CA VAL A 88 -0.94 -36.80 -17.64
C VAL A 88 -0.90 -35.26 -17.61
N GLN A 89 -0.10 -34.64 -18.49
CA GLN A 89 -0.04 -33.18 -18.55
C GLN A 89 -1.38 -32.65 -19.05
N LEU A 90 -1.99 -33.37 -19.99
CA LEU A 90 -3.28 -32.98 -20.52
C LEU A 90 -4.28 -33.04 -19.38
N LEU A 91 -4.13 -34.06 -18.56
CA LEU A 91 -5.01 -34.25 -17.43
C LEU A 91 -4.93 -32.96 -16.62
N GLY A 92 -3.70 -32.54 -16.35
CA GLY A 92 -3.46 -31.32 -15.59
C GLY A 92 -4.07 -30.09 -16.23
N GLY A 93 -3.89 -29.94 -17.54
CA GLY A 93 -4.45 -28.80 -18.23
C GLY A 93 -5.93 -28.70 -17.90
N MET A 94 -6.67 -29.76 -18.21
CA MET A 94 -8.08 -29.80 -17.93
C MET A 94 -8.40 -29.30 -16.53
N VAL A 95 -7.73 -29.83 -15.52
CA VAL A 95 -8.02 -29.39 -14.15
C VAL A 95 -7.87 -27.87 -14.02
N LEU A 96 -6.87 -27.32 -14.70
CA LEU A 96 -6.58 -25.88 -14.67
C LEU A 96 -7.62 -25.01 -15.35
N ASN A 97 -8.60 -25.63 -15.97
CA ASN A 97 -9.61 -24.86 -16.67
C ASN A 97 -10.90 -24.86 -15.92
N GLU A 98 -10.91 -25.49 -14.75
CA GLU A 98 -12.15 -25.58 -13.98
C GLU A 98 -12.30 -24.93 -12.60
N ARG A 99 -11.51 -23.91 -12.29
CA ARG A 99 -11.45 -23.40 -10.92
C ARG A 99 -11.02 -24.52 -9.98
N CYS A 100 -9.96 -25.20 -10.40
CA CYS A 100 -9.39 -26.28 -9.62
C CYS A 100 -7.93 -26.02 -9.34
N ILE A 101 -7.36 -26.86 -8.49
CA ILE A 101 -5.96 -26.80 -8.15
C ILE A 101 -5.38 -28.12 -8.65
N ALA A 102 -4.64 -28.07 -9.73
CA ALA A 102 -4.05 -29.28 -10.26
C ALA A 102 -2.76 -29.55 -9.52
N GLU A 103 -2.71 -30.59 -8.70
CA GLU A 103 -1.48 -30.89 -8.01
C GLU A 103 -0.61 -31.80 -8.87
N MET A 104 0.57 -31.30 -9.24
CA MET A 104 1.47 -32.08 -10.03
C MET A 104 2.86 -31.95 -9.46
N ARG A 105 3.49 -33.07 -9.16
CA ARG A 105 4.82 -33.06 -8.58
C ARG A 105 5.92 -32.31 -9.35
N THR A 106 6.92 -31.85 -8.60
CA THR A 106 8.09 -31.14 -9.14
C THR A 106 8.73 -31.98 -10.25
N GLY A 107 8.96 -31.35 -11.39
CA GLY A 107 9.55 -32.06 -12.52
C GLY A 107 8.50 -32.59 -13.50
N GLU A 108 7.23 -32.49 -13.11
CA GLU A 108 6.13 -32.97 -13.94
C GLU A 108 5.80 -32.15 -15.19
N GLY A 109 6.30 -30.93 -15.28
CA GLY A 109 6.04 -30.10 -16.45
C GLY A 109 4.86 -29.12 -16.35
N LYS A 110 4.71 -28.48 -15.18
CA LYS A 110 3.65 -27.51 -14.97
C LYS A 110 3.77 -26.36 -15.96
N THR A 111 5.00 -25.91 -16.21
CA THR A 111 5.27 -24.82 -17.13
C THR A 111 4.67 -25.01 -18.51
N LEU A 112 4.76 -26.24 -19.01
CA LEU A 112 4.25 -26.57 -20.34
C LEU A 112 2.77 -26.98 -20.29
N THR A 113 2.36 -27.47 -19.14
CA THR A 113 0.99 -27.90 -18.96
C THR A 113 0.05 -26.71 -18.98
N ALA A 114 0.60 -25.53 -18.67
CA ALA A 114 -0.20 -24.30 -18.58
C ALA A 114 -0.47 -23.70 -19.94
N THR A 115 0.38 -24.04 -20.92
CA THR A 115 0.17 -23.55 -22.28
C THR A 115 -1.18 -24.05 -22.76
N LEU A 116 -1.60 -25.19 -22.24
CA LEU A 116 -2.87 -25.77 -22.59
C LEU A 116 -4.04 -24.91 -22.13
N PRO A 117 -4.30 -24.87 -20.81
CA PRO A 117 -5.45 -24.03 -20.43
C PRO A 117 -5.25 -22.54 -20.72
N ALA A 118 -4.00 -22.11 -20.90
CA ALA A 118 -3.72 -20.70 -21.19
C ALA A 118 -4.03 -20.42 -22.66
N TYR A 119 -4.05 -21.47 -23.48
CA TYR A 119 -4.37 -21.32 -24.89
C TYR A 119 -5.86 -21.34 -25.09
N LEU A 120 -6.52 -22.29 -24.43
CA LEU A 120 -7.97 -22.41 -24.53
C LEU A 120 -8.59 -21.08 -24.15
N ASN A 121 -8.19 -20.52 -23.01
CA ASN A 121 -8.72 -19.25 -22.57
C ASN A 121 -8.24 -18.02 -23.34
N ALA A 122 -7.01 -18.05 -23.85
CA ALA A 122 -6.49 -16.92 -24.59
C ALA A 122 -7.12 -16.79 -25.98
N LEU A 123 -8.32 -17.33 -26.16
CA LEU A 123 -9.00 -17.28 -27.46
C LEU A 123 -10.12 -16.27 -27.52
N THR A 124 -10.86 -16.15 -26.42
CA THR A 124 -11.97 -15.21 -26.33
C THR A 124 -11.51 -13.76 -26.48
N GLY A 125 -10.23 -13.50 -26.22
CA GLY A 125 -9.69 -12.16 -26.36
C GLY A 125 -9.57 -11.36 -25.07
N LYS A 126 -10.15 -11.89 -23.98
CA LYS A 126 -10.13 -11.25 -22.67
C LYS A 126 -8.77 -11.28 -21.96
N GLY A 127 -7.83 -12.05 -22.48
CA GLY A 127 -6.51 -12.11 -21.88
C GLY A 127 -6.39 -13.24 -20.88
N VAL A 128 -5.15 -13.61 -20.53
CA VAL A 128 -4.87 -14.67 -19.56
C VAL A 128 -3.71 -14.27 -18.67
N HIS A 129 -3.91 -14.42 -17.37
CA HIS A 129 -2.88 -14.04 -16.40
C HIS A 129 -2.20 -15.22 -15.69
N VAL A 130 -1.01 -15.60 -16.16
CA VAL A 130 -0.26 -16.69 -15.53
C VAL A 130 0.57 -16.05 -14.44
N VAL A 131 0.35 -16.45 -13.19
CA VAL A 131 1.08 -15.90 -12.04
C VAL A 131 2.27 -16.76 -11.58
N THR A 132 3.39 -16.14 -11.22
CA THR A 132 4.55 -16.88 -10.71
C THR A 132 5.05 -16.27 -9.42
N VAL A 133 5.85 -17.05 -8.69
CA VAL A 133 6.42 -16.62 -7.41
C VAL A 133 7.40 -15.44 -7.47
N ASN A 134 8.11 -15.29 -8.59
CA ASN A 134 9.04 -14.20 -8.71
C ASN A 134 9.28 -13.69 -10.15
N ASP A 135 9.82 -12.48 -10.26
CA ASP A 135 10.07 -11.84 -11.55
C ASP A 135 10.90 -12.67 -12.50
N TYR A 136 11.98 -13.27 -12.02
CA TYR A 136 12.82 -14.09 -12.88
C TYR A 136 12.04 -15.19 -13.57
N LEU A 137 11.27 -15.95 -12.78
CA LEU A 137 10.47 -17.03 -13.34
C LEU A 137 9.43 -16.52 -14.34
N ALA A 138 8.67 -15.51 -13.93
CA ALA A 138 7.63 -14.94 -14.79
C ALA A 138 8.17 -14.61 -16.18
N GLN A 139 9.24 -13.83 -16.25
CA GLN A 139 9.78 -13.50 -17.56
C GLN A 139 10.39 -14.75 -18.19
N ARG A 140 11.25 -15.45 -17.45
CA ARG A 140 11.88 -16.67 -17.95
C ARG A 140 10.86 -17.54 -18.63
N ASP A 141 9.74 -17.79 -17.97
CA ASP A 141 8.69 -18.62 -18.52
C ASP A 141 8.18 -18.04 -19.83
N ALA A 142 7.57 -16.85 -19.78
CA ALA A 142 7.05 -16.17 -20.97
C ALA A 142 8.05 -16.32 -22.10
N GLU A 143 9.28 -15.89 -21.84
CA GLU A 143 10.38 -15.97 -22.79
C GLU A 143 10.38 -17.28 -23.58
N ASN A 144 10.69 -18.37 -22.89
CA ASN A 144 10.78 -19.66 -23.56
C ASN A 144 9.52 -20.50 -23.57
N ASN A 145 8.38 -19.86 -23.70
CA ASN A 145 7.12 -20.57 -23.74
C ASN A 145 6.39 -19.82 -24.81
N ARG A 146 7.02 -18.71 -25.23
CA ARG A 146 6.47 -17.83 -26.27
C ARG A 146 6.37 -18.46 -27.64
N PRO A 147 7.48 -18.98 -28.18
CA PRO A 147 7.49 -19.59 -29.52
C PRO A 147 6.27 -20.49 -29.80
N LEU A 148 5.82 -21.22 -28.78
CA LEU A 148 4.66 -22.07 -28.96
C LEU A 148 3.47 -21.16 -29.15
N PHE A 149 3.42 -20.10 -28.36
CA PHE A 149 2.30 -19.14 -28.42
C PHE A 149 2.28 -18.25 -29.65
N GLU A 150 3.44 -17.81 -30.14
CA GLU A 150 3.47 -16.97 -31.32
C GLU A 150 3.11 -17.84 -32.54
N PHE A 151 3.46 -19.12 -32.46
CA PHE A 151 3.18 -20.08 -33.54
C PHE A 151 1.68 -20.14 -33.70
N LEU A 152 0.99 -20.56 -32.64
CA LEU A 152 -0.45 -20.65 -32.66
C LEU A 152 -1.14 -19.30 -32.90
N GLY A 153 -0.33 -18.29 -33.25
CA GLY A 153 -0.84 -16.97 -33.51
C GLY A 153 -1.37 -16.17 -32.33
N LEU A 154 -0.62 -16.14 -31.24
CA LEU A 154 -1.02 -15.39 -30.06
C LEU A 154 0.12 -14.50 -29.61
N THR A 155 -0.20 -13.46 -28.84
CA THR A 155 0.84 -12.58 -28.31
C THR A 155 1.01 -12.82 -26.83
N VAL A 156 2.27 -12.73 -26.40
CA VAL A 156 2.65 -12.98 -25.03
C VAL A 156 3.27 -11.72 -24.44
N GLY A 157 2.73 -11.26 -23.31
CA GLY A 157 3.24 -10.08 -22.64
C GLY A 157 3.93 -10.39 -21.32
N ILE A 158 4.85 -9.54 -20.90
CA ILE A 158 5.54 -9.76 -19.64
C ILE A 158 5.39 -8.51 -18.74
N ASN A 159 4.67 -8.65 -17.63
CA ASN A 159 4.48 -7.54 -16.72
C ASN A 159 5.50 -7.57 -15.60
N LEU A 160 6.29 -6.50 -15.50
CA LEU A 160 7.34 -6.35 -14.49
C LEU A 160 7.20 -5.03 -13.72
N PRO A 161 7.86 -4.92 -12.54
CA PRO A 161 7.86 -3.76 -11.65
C PRO A 161 8.14 -2.36 -12.21
N GLY A 162 9.25 -2.17 -12.90
CA GLY A 162 9.55 -0.82 -13.38
C GLY A 162 9.09 -0.45 -14.78
N MET A 163 8.02 -1.07 -15.24
CA MET A 163 7.54 -0.81 -16.56
C MET A 163 6.63 0.42 -16.50
N PRO A 164 6.94 1.43 -17.26
CA PRO A 164 6.05 2.58 -17.39
C PRO A 164 4.61 2.17 -17.77
N ALA A 165 3.65 3.02 -17.47
CA ALA A 165 2.26 2.71 -17.78
C ALA A 165 2.14 2.20 -19.21
N PRO A 166 2.75 2.91 -20.17
CA PRO A 166 2.69 2.50 -21.56
C PRO A 166 3.01 1.02 -21.74
N ALA A 167 4.22 0.65 -21.33
CA ALA A 167 4.66 -0.73 -21.42
C ALA A 167 3.64 -1.70 -20.81
N LYS A 168 3.15 -1.37 -19.61
CA LYS A 168 2.19 -2.23 -18.94
C LYS A 168 0.87 -2.39 -19.68
N ARG A 169 0.45 -1.37 -20.40
CA ARG A 169 -0.78 -1.51 -21.15
C ARG A 169 -0.49 -2.58 -22.20
N GLU A 170 0.73 -2.56 -22.75
CA GLU A 170 1.18 -3.53 -23.75
C GLU A 170 1.14 -4.96 -23.20
N ALA A 171 1.84 -5.19 -22.09
CA ALA A 171 1.88 -6.50 -21.47
C ALA A 171 0.48 -7.07 -21.11
N TYR A 172 -0.47 -6.22 -20.80
CA TYR A 172 -1.80 -6.69 -20.46
C TYR A 172 -2.66 -6.73 -21.72
N ALA A 173 -2.14 -6.11 -22.78
CA ALA A 173 -2.85 -6.06 -24.05
C ALA A 173 -2.77 -7.39 -24.79
N ALA A 174 -1.67 -8.11 -24.59
CA ALA A 174 -1.47 -9.39 -25.25
C ALA A 174 -2.57 -10.36 -24.87
N ASP A 175 -2.57 -11.53 -25.51
CA ASP A 175 -3.57 -12.57 -25.23
C ASP A 175 -3.15 -13.32 -23.97
N ILE A 176 -1.84 -13.43 -23.76
CA ILE A 176 -1.28 -14.10 -22.60
C ILE A 176 -0.25 -13.23 -21.86
N THR A 177 -0.45 -13.08 -20.56
CA THR A 177 0.45 -12.28 -19.75
C THR A 177 1.11 -13.02 -18.57
N TYR A 178 2.36 -12.68 -18.29
CA TYR A 178 3.12 -13.28 -17.20
C TYR A 178 3.62 -12.18 -16.23
N GLY A 179 3.54 -12.49 -14.93
CA GLY A 179 4.00 -11.57 -13.89
C GLY A 179 3.98 -12.27 -12.54
N THR A 180 4.25 -11.55 -11.45
CA THR A 180 4.21 -12.13 -10.10
C THR A 180 2.92 -11.64 -9.47
N ASN A 181 2.40 -12.38 -8.49
CA ASN A 181 1.17 -12.00 -7.83
C ASN A 181 1.22 -10.54 -7.38
N ASN A 182 2.28 -10.18 -6.67
CA ASN A 182 2.41 -8.80 -6.20
C ASN A 182 2.18 -7.74 -7.26
N GLU A 183 3.04 -7.71 -8.29
CA GLU A 183 2.91 -6.73 -9.37
C GLU A 183 1.53 -6.66 -9.97
N TYR A 184 0.91 -7.81 -10.20
CA TYR A 184 -0.43 -7.80 -10.74
C TYR A 184 -1.30 -7.04 -9.76
N GLY A 185 -1.22 -7.44 -8.49
CA GLY A 185 -2.00 -6.80 -7.46
C GLY A 185 -1.70 -5.32 -7.40
N PHE A 186 -0.43 -5.00 -7.26
CA PHE A 186 0.01 -3.61 -7.22
C PHE A 186 -0.55 -2.80 -8.38
N ASP A 187 -0.57 -3.39 -9.56
CA ASP A 187 -1.10 -2.73 -10.74
C ASP A 187 -2.56 -2.41 -10.46
N TYR A 188 -3.26 -3.39 -9.89
CA TYR A 188 -4.68 -3.25 -9.57
C TYR A 188 -4.91 -2.16 -8.54
N LEU A 189 -3.99 -2.02 -7.58
CA LEU A 189 -4.13 -0.99 -6.56
C LEU A 189 -3.90 0.35 -7.24
N ARG A 190 -2.87 0.41 -8.09
CA ARG A 190 -2.56 1.63 -8.81
C ARG A 190 -3.62 2.01 -9.84
N ASP A 191 -4.32 1.03 -10.42
CA ASP A 191 -5.35 1.34 -11.39
C ASP A 191 -6.56 2.00 -10.73
N ASN A 192 -6.75 1.73 -9.44
CA ASN A 192 -7.87 2.30 -8.68
C ASN A 192 -7.59 3.74 -8.29
N MET A 193 -6.30 4.06 -8.22
CA MET A 193 -5.84 5.40 -7.89
C MET A 193 -5.48 6.09 -9.19
N ALA A 194 -6.22 5.75 -10.25
CA ALA A 194 -5.99 6.29 -11.58
C ALA A 194 -6.75 7.58 -11.83
N PHE A 195 -6.12 8.47 -12.61
CA PHE A 195 -6.69 9.75 -12.95
C PHE A 195 -7.99 9.52 -13.71
N SER A 196 -7.85 8.95 -14.90
CA SER A 196 -8.95 8.63 -15.78
C SER A 196 -8.79 7.21 -16.27
N PRO A 197 -9.91 6.51 -16.50
CA PRO A 197 -9.86 5.12 -16.99
C PRO A 197 -8.76 4.89 -18.04
N GLU A 198 -8.61 5.84 -18.96
CA GLU A 198 -7.61 5.72 -20.01
C GLU A 198 -6.18 5.80 -19.48
N GLU A 199 -6.04 5.74 -18.16
CA GLU A 199 -4.70 5.80 -17.56
C GLU A 199 -4.38 4.46 -16.90
N ARG A 200 -5.39 3.60 -16.83
CA ARG A 200 -5.25 2.28 -16.24
C ARG A 200 -4.43 1.37 -17.15
N VAL A 201 -3.65 0.48 -16.54
CA VAL A 201 -2.82 -0.43 -17.33
C VAL A 201 -3.39 -1.83 -17.51
N GLN A 202 -4.30 -2.22 -16.62
CA GLN A 202 -4.91 -3.54 -16.68
C GLN A 202 -6.16 -3.54 -17.54
N ARG A 203 -6.78 -4.71 -17.69
CA ARG A 203 -8.17 -4.79 -18.09
C ARG A 203 -9.00 -5.58 -17.07
N LYS A 204 -10.31 -5.64 -17.28
CA LYS A 204 -11.17 -6.50 -16.50
C LYS A 204 -10.52 -7.86 -16.29
N LEU A 205 -10.18 -8.16 -15.04
CA LEU A 205 -9.57 -9.44 -14.69
C LEU A 205 -10.44 -10.61 -15.17
N HIS A 206 -9.84 -11.49 -15.97
CA HIS A 206 -10.56 -12.63 -16.51
C HIS A 206 -10.15 -13.98 -15.92
N TYR A 207 -9.05 -14.51 -16.45
CA TYR A 207 -8.51 -15.80 -16.06
C TYR A 207 -7.13 -15.64 -15.46
N ALA A 208 -6.92 -16.27 -14.31
CA ALA A 208 -5.62 -16.23 -13.63
C ALA A 208 -5.18 -17.64 -13.33
N LEU A 209 -4.07 -18.05 -13.94
CA LEU A 209 -3.51 -19.39 -13.74
C LEU A 209 -2.31 -19.19 -12.81
N VAL A 210 -2.44 -19.60 -11.57
CA VAL A 210 -1.37 -19.43 -10.60
C VAL A 210 -0.40 -20.60 -10.53
N ASP A 211 0.85 -20.35 -10.85
CA ASP A 211 1.90 -21.36 -10.75
C ASP A 211 2.43 -21.30 -9.32
N GLU A 212 2.54 -22.46 -8.69
CA GLU A 212 2.84 -22.54 -7.27
C GLU A 212 1.75 -21.94 -6.36
N VAL A 213 0.51 -22.33 -6.62
CA VAL A 213 -0.62 -21.82 -5.86
C VAL A 213 -0.47 -21.74 -4.35
N ASP A 214 -0.01 -22.81 -3.72
CA ASP A 214 0.12 -22.78 -2.26
C ASP A 214 0.99 -21.61 -1.81
N SER A 215 2.16 -21.48 -2.42
CA SER A 215 3.07 -20.41 -2.09
C SER A 215 2.35 -19.08 -2.25
N ILE A 216 1.77 -18.85 -3.42
CA ILE A 216 1.07 -17.62 -3.71
C ILE A 216 -0.24 -17.36 -2.95
N LEU A 217 -1.14 -18.35 -2.88
CA LEU A 217 -2.41 -18.12 -2.20
C LEU A 217 -2.51 -18.49 -0.73
N ILE A 218 -1.46 -19.06 -0.18
CA ILE A 218 -1.51 -19.44 1.22
C ILE A 218 -0.40 -18.78 2.00
N ASP A 219 0.85 -19.07 1.67
CA ASP A 219 1.95 -18.47 2.38
C ASP A 219 1.96 -16.95 2.24
N GLU A 220 1.51 -16.44 1.09
CA GLU A 220 1.45 -15.00 0.88
C GLU A 220 0.16 -14.47 1.53
N ALA A 221 -0.11 -14.98 2.73
CA ALA A 221 -1.27 -14.57 3.53
C ALA A 221 -0.63 -13.65 4.55
N ARG A 222 0.68 -13.45 4.42
CA ARG A 222 1.45 -12.58 5.28
C ARG A 222 1.39 -11.20 4.67
N THR A 223 0.61 -10.32 5.29
CA THR A 223 0.31 -9.01 4.72
C THR A 223 1.60 -8.26 4.38
N PRO A 224 1.57 -7.53 3.27
CA PRO A 224 2.49 -6.39 3.07
C PRO A 224 2.17 -5.23 4.01
N LEU A 225 3.17 -4.38 4.24
CA LEU A 225 3.00 -3.25 5.15
C LEU A 225 3.33 -1.93 4.46
N ILE A 226 2.36 -1.02 4.47
CA ILE A 226 2.60 0.35 4.03
C ILE A 226 3.09 1.22 5.18
N ILE A 227 4.23 1.87 4.99
CA ILE A 227 4.77 2.79 5.99
C ILE A 227 5.45 3.98 5.31
N LEU A 234 1.25 4.30 9.37
CA LEU A 234 1.67 2.94 9.03
C LEU A 234 0.49 2.00 9.00
N ALA A 235 0.31 1.28 7.90
CA ALA A 235 -0.80 0.35 7.75
C ALA A 235 -0.35 -0.99 7.18
N SER A 236 -1.31 -1.84 6.85
CA SER A 236 -1.00 -3.15 6.29
C SER A 236 -2.24 -3.74 5.66
N ILE A 237 -2.08 -4.27 4.46
CA ILE A 237 -3.19 -4.88 3.76
C ILE A 237 -2.69 -6.20 3.24
N THR A 238 -3.59 -6.96 2.63
CA THR A 238 -3.29 -8.29 2.09
C THR A 238 -3.72 -8.29 0.62
N PHE A 239 -3.35 -9.31 -0.13
CA PHE A 239 -3.77 -9.38 -1.54
C PHE A 239 -4.62 -10.62 -1.77
N GLN A 240 -5.08 -11.19 -0.67
CA GLN A 240 -5.91 -12.38 -0.67
C GLN A 240 -7.03 -12.30 -1.69
N ASN A 241 -7.93 -11.35 -1.48
CA ASN A 241 -9.09 -11.16 -2.32
C ASN A 241 -8.81 -10.76 -3.76
N TYR A 242 -7.58 -10.36 -4.05
CA TYR A 242 -7.25 -9.94 -5.41
C TYR A 242 -7.57 -10.98 -6.47
N PHE A 243 -7.29 -12.25 -6.15
CA PHE A 243 -7.57 -13.29 -7.12
C PHE A 243 -9.02 -13.73 -7.16
N ARG A 244 -9.80 -13.20 -6.22
CA ARG A 244 -11.21 -13.55 -6.18
C ARG A 244 -11.98 -12.61 -7.08
N LEU A 245 -11.30 -11.59 -7.57
CA LEU A 245 -11.91 -10.63 -8.47
C LEU A 245 -11.81 -11.13 -9.89
N TYR A 246 -11.06 -12.21 -10.09
CA TYR A 246 -10.91 -12.77 -11.43
C TYR A 246 -12.14 -13.59 -11.78
N GLU A 247 -12.58 -13.50 -13.03
CA GLU A 247 -13.74 -14.26 -13.47
C GLU A 247 -13.40 -15.74 -13.27
N LYS A 248 -12.24 -16.14 -13.78
CA LYS A 248 -11.74 -17.50 -13.64
C LYS A 248 -10.43 -17.55 -12.84
N LEU A 249 -10.40 -18.38 -11.80
CA LEU A 249 -9.21 -18.53 -10.96
C LEU A 249 -8.81 -20.00 -10.90
N ALA A 250 -7.56 -20.29 -11.27
CA ALA A 250 -7.04 -21.66 -11.23
C ALA A 250 -5.55 -21.67 -10.86
N GLY A 251 -5.12 -22.74 -10.18
CA GLY A 251 -3.73 -22.84 -9.77
C GLY A 251 -3.14 -24.22 -9.94
N MET A 252 -1.82 -24.30 -9.87
CA MET A 252 -1.10 -25.56 -9.98
C MET A 252 0.12 -25.58 -9.04
N THR A 253 0.43 -26.76 -8.48
CA THR A 253 1.56 -26.89 -7.56
C THR A 253 1.91 -28.35 -7.35
N GLY A 254 3.07 -28.58 -6.74
CA GLY A 254 3.50 -29.94 -6.46
C GLY A 254 3.22 -30.26 -5.01
N THR A 255 2.43 -29.40 -4.37
CA THR A 255 2.09 -29.57 -2.97
C THR A 255 0.83 -28.78 -2.68
N ALA A 256 -0.26 -29.48 -2.38
CA ALA A 256 -1.51 -28.80 -2.09
C ALA A 256 -2.47 -29.51 -1.16
N ASP A 257 -2.42 -30.84 -1.18
CA ASP A 257 -3.33 -31.63 -0.35
C ASP A 257 -3.27 -31.34 1.13
N THR A 258 -2.18 -30.80 1.62
CA THR A 258 -2.08 -30.36 3.01
C THR A 258 -3.22 -29.47 3.37
N GLU A 259 -3.15 -28.22 2.92
CA GLU A 259 -4.20 -27.25 3.20
C GLU A 259 -5.27 -27.29 2.12
N ALA A 260 -5.48 -28.47 1.53
CA ALA A 260 -6.46 -28.65 0.46
C ALA A 260 -7.85 -28.13 0.84
N PHE A 261 -8.07 -27.95 2.13
CA PHE A 261 -9.34 -27.45 2.66
C PHE A 261 -9.41 -25.93 2.66
N GLU A 262 -8.28 -25.29 2.94
CA GLU A 262 -8.22 -23.83 2.97
C GLU A 262 -8.42 -23.23 1.56
N PHE A 263 -8.04 -24.00 0.53
CA PHE A 263 -8.17 -23.55 -0.85
C PHE A 263 -9.64 -23.33 -1.24
N SER A 264 -10.54 -24.13 -0.67
CA SER A 264 -11.96 -24.01 -0.98
C SER A 264 -12.72 -23.14 0.02
N SER A 265 -12.17 -22.99 1.22
CA SER A 265 -12.81 -22.18 2.25
C SER A 265 -12.61 -20.69 2.02
N ILE A 266 -11.82 -20.34 1.01
CA ILE A 266 -11.54 -18.94 0.69
C ILE A 266 -11.76 -18.62 -0.78
N TYR A 267 -11.16 -19.43 -1.64
CA TYR A 267 -11.24 -19.23 -3.08
C TYR A 267 -12.16 -20.23 -3.72
N LYS A 268 -12.72 -21.13 -2.92
CA LYS A 268 -13.61 -22.16 -3.44
C LYS A 268 -12.92 -22.83 -4.62
N LEU A 269 -11.79 -23.46 -4.33
CA LEU A 269 -11.00 -24.17 -5.32
C LEU A 269 -10.93 -25.63 -4.93
N ASP A 270 -11.31 -26.51 -5.85
CA ASP A 270 -11.22 -27.93 -5.55
C ASP A 270 -9.85 -28.44 -6.01
N THR A 271 -9.18 -29.16 -5.12
CA THR A 271 -7.87 -29.71 -5.39
C THR A 271 -7.93 -31.06 -6.06
N VAL A 272 -7.22 -31.20 -7.17
CA VAL A 272 -7.20 -32.48 -7.87
C VAL A 272 -5.75 -32.94 -7.93
N VAL A 273 -5.49 -34.10 -7.34
CA VAL A 273 -4.15 -34.65 -7.31
C VAL A 273 -3.86 -35.46 -8.56
N VAL A 274 -3.20 -34.86 -9.52
CA VAL A 274 -2.89 -35.56 -10.76
C VAL A 274 -1.82 -36.62 -10.53
N PRO A 275 -1.92 -37.77 -11.20
CA PRO A 275 -0.89 -38.81 -11.01
C PRO A 275 0.39 -38.47 -11.77
N THR A 276 1.53 -39.00 -11.33
CA THR A 276 2.80 -38.71 -12.01
C THR A 276 2.94 -39.49 -13.32
N ASN A 277 3.83 -39.03 -14.19
CA ASN A 277 4.04 -39.69 -15.47
C ASN A 277 4.67 -41.07 -15.26
N ARG A 278 5.86 -41.06 -14.66
CA ARG A 278 6.64 -42.25 -14.36
C ARG A 278 6.58 -42.49 -12.86
N PRO A 279 6.55 -43.77 -12.43
CA PRO A 279 6.49 -44.07 -11.00
C PRO A 279 7.56 -43.35 -10.17
N MET A 280 7.13 -42.79 -9.04
CA MET A 280 7.99 -42.03 -8.11
C MET A 280 8.76 -42.96 -7.19
N ILE A 281 10.02 -43.21 -7.56
CA ILE A 281 10.87 -44.11 -6.79
C ILE A 281 11.88 -43.44 -5.84
N ARG A 282 11.75 -42.15 -5.60
CA ARG A 282 12.68 -41.49 -4.70
C ARG A 282 12.48 -42.07 -3.32
N LYS A 283 13.56 -42.19 -2.56
CA LYS A 283 13.50 -42.75 -1.23
C LYS A 283 13.59 -41.70 -0.13
N ASP A 284 12.48 -41.48 0.56
CA ASP A 284 12.46 -40.52 1.64
C ASP A 284 12.82 -41.26 2.94
N LEU A 285 14.06 -41.06 3.40
CA LEU A 285 14.54 -41.72 4.62
C LEU A 285 14.00 -41.08 5.88
N PRO A 286 13.96 -41.86 6.98
CA PRO A 286 13.48 -41.44 8.30
C PRO A 286 14.27 -40.28 8.87
N ASP A 287 13.61 -39.45 9.67
CA ASP A 287 14.29 -38.32 10.28
C ASP A 287 15.24 -38.82 11.36
N LEU A 288 16.48 -38.36 11.31
CA LEU A 288 17.46 -38.72 12.32
C LEU A 288 17.51 -37.56 13.30
N VAL A 289 17.19 -37.83 14.56
CA VAL A 289 17.20 -36.77 15.55
C VAL A 289 18.50 -36.75 16.34
N TYR A 290 19.04 -35.55 16.55
CA TYR A 290 20.27 -35.40 17.30
C TYR A 290 19.99 -34.50 18.48
N MET A 291 20.90 -34.49 19.43
CA MET A 291 20.74 -33.68 20.63
C MET A 291 21.15 -32.23 20.40
N THR A 292 22.32 -32.03 19.82
CA THR A 292 22.82 -30.69 19.58
C THR A 292 22.85 -30.34 18.10
N GLU A 293 22.96 -29.04 17.83
CA GLU A 293 23.01 -28.52 16.48
C GLU A 293 24.31 -29.02 15.84
N ALA A 294 25.34 -29.12 16.66
CA ALA A 294 26.63 -29.58 16.20
C ALA A 294 26.53 -31.04 15.79
N GLU A 295 25.81 -31.83 16.59
CA GLU A 295 25.63 -33.24 16.29
C GLU A 295 24.94 -33.39 14.95
N LYS A 296 24.08 -32.44 14.63
CA LYS A 296 23.36 -32.44 13.37
C LYS A 296 24.31 -32.10 12.24
N ILE A 297 24.64 -30.81 12.12
CA ILE A 297 25.53 -30.31 11.07
C ILE A 297 26.75 -31.17 10.81
N GLN A 298 27.17 -31.91 11.82
CA GLN A 298 28.34 -32.77 11.69
C GLN A 298 28.00 -34.10 11.04
N ALA A 299 26.81 -34.61 11.32
CA ALA A 299 26.36 -35.89 10.76
C ALA A 299 25.98 -35.70 9.30
N ILE A 300 25.67 -34.47 8.92
CA ILE A 300 25.30 -34.19 7.55
C ILE A 300 26.54 -33.90 6.72
N ILE A 301 27.50 -33.15 7.24
CA ILE A 301 28.72 -32.86 6.48
C ILE A 301 29.46 -34.17 6.33
N GLU A 302 29.18 -35.10 7.24
CA GLU A 302 29.79 -36.42 7.24
C GLU A 302 29.08 -37.23 6.15
N ASP A 303 27.80 -36.97 5.98
CA ASP A 303 27.01 -37.67 5.00
C ASP A 303 27.30 -37.18 3.58
N ILE A 304 27.29 -35.87 3.36
CA ILE A 304 27.55 -35.35 2.04
C ILE A 304 28.97 -35.75 1.64
N LYS A 305 29.94 -35.40 2.48
CA LYS A 305 31.34 -35.73 2.22
C LYS A 305 31.45 -37.18 1.77
N GLU A 306 30.62 -38.04 2.36
CA GLU A 306 30.62 -39.45 1.99
C GLU A 306 30.10 -39.65 0.57
N ARG A 307 28.79 -39.46 0.40
CA ARG A 307 28.14 -39.64 -0.89
C ARG A 307 28.88 -38.87 -1.97
N THR A 308 29.53 -37.79 -1.58
CA THR A 308 30.31 -36.98 -2.52
C THR A 308 31.24 -37.91 -3.26
N ALA A 309 32.09 -38.58 -2.50
CA ALA A 309 33.05 -39.51 -3.05
C ALA A 309 32.35 -40.54 -3.93
N LYS A 310 31.18 -41.00 -3.47
CA LYS A 310 30.41 -41.98 -4.20
C LYS A 310 30.04 -41.51 -5.61
N GLY A 311 30.10 -40.20 -5.84
CA GLY A 311 29.77 -39.66 -7.15
C GLY A 311 28.33 -39.22 -7.29
N GLN A 312 27.69 -38.98 -6.15
CA GLN A 312 26.29 -38.57 -6.08
C GLN A 312 26.17 -37.14 -5.62
N PRO A 313 25.38 -36.32 -6.33
CA PRO A 313 25.17 -34.90 -5.99
C PRO A 313 24.27 -34.75 -4.77
N VAL A 314 24.37 -33.63 -4.08
CA VAL A 314 23.52 -33.45 -2.90
C VAL A 314 23.18 -32.01 -2.57
N LEU A 315 21.89 -31.72 -2.52
CA LEU A 315 21.42 -30.38 -2.22
C LEU A 315 20.95 -30.33 -0.77
N VAL A 316 21.21 -29.20 -0.12
CA VAL A 316 20.82 -29.02 1.26
C VAL A 316 19.83 -27.89 1.32
N GLY A 317 18.84 -28.00 2.19
CA GLY A 317 17.86 -26.94 2.30
C GLY A 317 17.92 -26.41 3.70
N THR A 318 17.78 -25.09 3.86
CA THR A 318 17.81 -24.46 5.18
C THR A 318 16.53 -23.63 5.29
N ILE A 319 16.09 -23.35 6.52
CA ILE A 319 14.86 -22.56 6.69
C ILE A 319 15.07 -21.11 6.32
N SER A 320 16.23 -20.57 6.69
CA SER A 320 16.53 -19.18 6.39
C SER A 320 18.01 -18.99 6.09
N ILE A 321 18.35 -17.82 5.54
CA ILE A 321 19.74 -17.50 5.21
C ILE A 321 20.59 -17.67 6.47
N GLU A 322 19.98 -17.41 7.62
CA GLU A 322 20.63 -17.54 8.91
C GLU A 322 21.39 -18.84 8.99
N LYS A 323 20.64 -19.93 9.10
CA LYS A 323 21.24 -21.26 9.19
C LYS A 323 22.01 -21.57 7.92
N SER A 324 21.58 -20.98 6.81
CA SER A 324 22.22 -21.23 5.53
C SER A 324 23.68 -20.79 5.55
N GLU A 325 23.94 -19.63 6.15
CA GLU A 325 25.30 -19.11 6.24
C GLU A 325 26.15 -20.01 7.14
N LEU A 326 25.59 -20.30 8.32
CA LEU A 326 26.24 -21.14 9.31
C LEU A 326 26.68 -22.49 8.75
N VAL A 327 25.72 -23.20 8.15
CA VAL A 327 25.99 -24.51 7.57
C VAL A 327 26.97 -24.42 6.40
N SER A 328 27.02 -23.24 5.77
CA SER A 328 27.91 -23.01 4.63
C SER A 328 29.37 -23.01 5.06
N ASN A 329 29.64 -22.40 6.21
CA ASN A 329 30.99 -22.32 6.74
C ASN A 329 31.39 -23.67 7.31
N GLU A 330 30.50 -24.25 8.11
CA GLU A 330 30.75 -25.56 8.72
C GLU A 330 31.01 -26.61 7.64
N LEU A 331 30.48 -26.34 6.45
CA LEU A 331 30.62 -27.26 5.32
C LEU A 331 31.92 -27.02 4.55
N THR A 332 32.36 -25.78 4.51
CA THR A 332 33.60 -25.41 3.82
C THR A 332 34.76 -25.69 4.75
N LYS A 333 34.47 -25.68 6.05
CA LYS A 333 35.47 -25.92 7.09
C LYS A 333 35.97 -27.35 7.06
N ALA A 334 35.10 -28.28 6.65
CA ALA A 334 35.48 -29.68 6.57
C ALA A 334 36.12 -29.94 5.22
N GLY A 335 36.56 -28.86 4.57
CA GLY A 335 37.19 -28.97 3.28
C GLY A 335 36.25 -29.50 2.22
N ILE A 336 35.19 -28.75 1.95
CA ILE A 336 34.21 -29.16 0.95
C ILE A 336 33.73 -27.99 0.10
N LYS A 337 34.05 -28.01 -1.20
CA LYS A 337 33.65 -26.94 -2.11
C LYS A 337 32.16 -27.06 -2.43
N HIS A 338 31.36 -26.23 -1.76
CA HIS A 338 29.93 -26.24 -1.94
C HIS A 338 29.45 -24.98 -2.63
N ASN A 339 28.14 -24.78 -2.62
CA ASN A 339 27.51 -23.61 -3.23
C ASN A 339 26.39 -23.09 -2.34
N VAL A 340 26.07 -21.81 -2.46
CA VAL A 340 25.01 -21.23 -1.65
C VAL A 340 24.09 -20.30 -2.41
N LEU A 341 22.80 -20.47 -2.20
CA LEU A 341 21.77 -19.67 -2.85
C LEU A 341 20.88 -19.11 -1.74
N ASN A 342 20.66 -17.80 -1.73
CA ASN A 342 19.85 -17.17 -0.69
C ASN A 342 18.60 -16.49 -1.24
N ALA A 343 18.18 -16.88 -2.44
CA ALA A 343 17.01 -16.27 -3.05
C ALA A 343 17.22 -14.77 -3.25
N LYS A 344 18.44 -14.36 -3.56
CA LYS A 344 18.72 -12.95 -3.79
C LYS A 344 18.82 -12.70 -5.28
N PHE A 345 19.76 -13.38 -5.93
CA PHE A 345 19.94 -13.27 -7.38
C PHE A 345 19.34 -14.48 -8.07
N HIS A 346 18.02 -14.49 -8.19
CA HIS A 346 17.32 -15.59 -8.82
C HIS A 346 17.96 -16.00 -10.13
N ALA A 347 18.25 -15.00 -10.95
CA ALA A 347 18.88 -15.22 -12.25
C ALA A 347 20.12 -16.11 -12.14
N ASN A 348 21.08 -15.67 -11.34
CA ASN A 348 22.28 -16.47 -11.18
C ASN A 348 22.19 -17.76 -10.42
N GLU A 349 21.48 -17.75 -9.31
CA GLU A 349 21.17 -18.95 -8.57
C GLU A 349 20.60 -19.97 -9.49
N ALA A 350 19.67 -19.54 -10.34
CA ALA A 350 19.03 -20.46 -11.28
C ALA A 350 20.05 -21.15 -12.16
N ALA A 351 21.04 -20.39 -12.61
CA ALA A 351 22.08 -20.96 -13.46
C ALA A 351 22.79 -22.07 -12.70
N ILE A 352 23.02 -21.82 -11.41
CA ILE A 352 23.71 -22.79 -10.56
C ILE A 352 22.85 -24.00 -10.16
N VAL A 353 21.59 -23.77 -9.81
CA VAL A 353 20.72 -24.86 -9.43
C VAL A 353 20.53 -25.83 -10.58
N ALA A 354 20.56 -25.30 -11.80
CA ALA A 354 20.39 -26.11 -13.00
C ALA A 354 21.55 -27.06 -13.24
N GLN A 355 22.61 -26.94 -12.45
CA GLN A 355 23.78 -27.80 -12.59
C GLN A 355 24.12 -28.57 -11.32
N ALA A 356 23.25 -28.45 -10.31
CA ALA A 356 23.46 -29.14 -9.04
C ALA A 356 23.25 -30.63 -9.23
N GLY A 357 23.05 -31.04 -10.49
CA GLY A 357 22.83 -32.44 -10.78
C GLY A 357 24.10 -33.13 -11.22
N TYR A 358 25.21 -32.38 -11.20
CA TYR A 358 26.51 -32.90 -11.61
C TYR A 358 26.99 -33.92 -10.57
N PRO A 359 27.44 -35.11 -11.01
CA PRO A 359 27.92 -36.20 -10.16
C PRO A 359 28.62 -35.78 -8.88
N ALA A 360 29.38 -34.70 -8.95
CA ALA A 360 30.08 -34.18 -7.79
C ALA A 360 29.54 -32.78 -7.63
N ALA A 361 28.45 -32.66 -6.89
CA ALA A 361 27.85 -31.35 -6.69
C ALA A 361 27.21 -31.22 -5.32
N VAL A 362 27.47 -30.09 -4.68
CA VAL A 362 26.90 -29.81 -3.38
C VAL A 362 26.35 -28.39 -3.41
N THR A 363 25.07 -28.26 -3.09
CA THR A 363 24.43 -26.97 -3.11
C THR A 363 23.66 -26.79 -1.82
N ILE A 364 23.67 -25.57 -1.30
CA ILE A 364 22.94 -25.24 -0.10
C ILE A 364 21.96 -24.17 -0.51
N ALA A 365 20.68 -24.51 -0.46
CA ALA A 365 19.66 -23.57 -0.86
C ALA A 365 18.78 -23.18 0.32
N THR A 366 18.15 -22.02 0.22
CA THR A 366 17.28 -21.57 1.27
C THR A 366 15.84 -21.88 0.88
N ASN A 367 14.91 -21.35 1.66
CA ASN A 367 13.49 -21.58 1.42
C ASN A 367 13.13 -21.49 -0.05
N MET A 368 13.24 -20.29 -0.62
CA MET A 368 12.91 -20.07 -2.03
C MET A 368 14.15 -19.73 -2.82
N ALA A 369 15.16 -20.60 -2.72
CA ALA A 369 16.44 -20.40 -3.38
C ALA A 369 16.41 -20.48 -4.91
N GLY A 370 16.39 -21.70 -5.42
CA GLY A 370 16.37 -21.88 -6.86
C GLY A 370 15.10 -22.55 -7.27
N ARG A 371 14.02 -22.22 -6.58
CA ARG A 371 12.72 -22.81 -6.89
C ARG A 371 12.33 -22.52 -8.32
N GLY A 372 11.96 -23.56 -9.05
CA GLY A 372 11.55 -23.34 -10.42
C GLY A 372 12.48 -23.91 -11.47
N THR A 373 13.73 -24.19 -11.12
CA THR A 373 14.69 -24.72 -12.07
C THR A 373 14.84 -26.23 -11.91
N ASP A 374 14.52 -26.98 -12.96
CA ASP A 374 14.59 -28.45 -12.93
C ASP A 374 16.03 -28.92 -12.88
N ILE A 375 16.34 -29.71 -11.85
CA ILE A 375 17.70 -30.23 -11.66
C ILE A 375 17.92 -31.56 -12.35
N VAL A 376 18.44 -31.53 -13.57
CA VAL A 376 18.69 -32.75 -14.34
C VAL A 376 19.87 -33.57 -13.81
N LEU A 377 19.64 -34.87 -13.63
CA LEU A 377 20.69 -35.73 -13.12
C LEU A 377 21.88 -35.77 -14.08
N GLY A 378 23.04 -35.38 -13.57
CA GLY A 378 24.25 -35.39 -14.39
C GLY A 378 24.60 -34.04 -15.01
N GLY A 379 23.88 -33.00 -14.62
CA GLY A 379 24.14 -31.69 -15.17
C GLY A 379 23.22 -31.36 -16.34
N SER A 380 23.19 -30.09 -16.73
CA SER A 380 22.34 -29.67 -17.84
C SER A 380 23.22 -29.21 -18.99
N TRP A 381 23.28 -30.02 -20.04
CA TRP A 381 24.09 -29.72 -21.22
C TRP A 381 23.58 -28.52 -22.02
N GLN A 382 22.31 -28.19 -21.86
CA GLN A 382 21.76 -27.06 -22.59
C GLN A 382 22.45 -25.77 -22.19
N ALA A 383 22.83 -25.68 -20.93
CA ALA A 383 23.53 -24.50 -20.45
C ALA A 383 24.94 -24.55 -21.02
N GLU A 384 25.35 -25.75 -21.42
CA GLU A 384 26.66 -25.96 -22.01
C GLU A 384 26.69 -25.52 -23.46
N VAL A 385 25.64 -25.88 -24.20
CA VAL A 385 25.54 -25.51 -25.62
C VAL A 385 25.22 -24.02 -25.78
N ALA A 386 24.42 -23.48 -24.88
CA ALA A 386 24.06 -22.07 -24.94
C ALA A 386 25.25 -21.23 -24.47
N ALA A 387 26.35 -21.90 -24.14
CA ALA A 387 27.56 -21.24 -23.69
C ALA A 387 28.67 -21.49 -24.70
N LEU A 388 28.33 -21.30 -25.98
CA LEU A 388 29.29 -21.51 -27.07
C LEU A 388 28.83 -20.70 -28.28
N GLU A 389 29.50 -19.57 -28.51
CA GLU A 389 29.18 -18.69 -29.64
C GLU A 389 29.05 -19.42 -30.96
N ASN A 390 29.63 -20.62 -31.05
CA ASN A 390 29.58 -21.40 -32.28
C ASN A 390 28.64 -22.59 -32.15
N PRO A 391 27.35 -22.39 -32.44
CA PRO A 391 26.33 -23.45 -32.36
C PRO A 391 26.41 -24.43 -33.54
N THR A 392 27.33 -25.38 -33.45
CA THR A 392 27.52 -26.38 -34.50
C THR A 392 27.09 -27.77 -34.04
N ALA A 393 26.36 -28.48 -34.92
CA ALA A 393 25.88 -29.82 -34.62
C ALA A 393 27.00 -30.79 -34.28
N GLU A 394 28.25 -30.34 -34.37
CA GLU A 394 29.40 -31.19 -34.08
C GLU A 394 29.76 -31.24 -32.60
N GLN A 395 30.04 -30.08 -32.01
CA GLN A 395 30.42 -30.04 -30.60
C GLN A 395 29.28 -30.51 -29.69
N ILE A 396 28.04 -30.17 -30.05
CA ILE A 396 26.89 -30.56 -29.25
C ILE A 396 26.85 -32.07 -29.01
N GLU A 397 27.26 -32.84 -30.02
CA GLU A 397 27.28 -34.28 -29.91
C GLU A 397 28.21 -34.76 -28.81
N LYS A 398 29.34 -34.07 -28.65
CA LYS A 398 30.31 -34.46 -27.62
C LYS A 398 29.94 -33.86 -26.27
N ILE A 399 28.67 -33.48 -26.13
CA ILE A 399 28.15 -32.91 -24.90
C ILE A 399 26.84 -33.61 -24.59
N LYS A 400 26.01 -33.80 -25.61
CA LYS A 400 24.72 -34.46 -25.47
C LYS A 400 24.94 -35.96 -25.24
N ALA A 401 26.13 -36.43 -25.54
CA ALA A 401 26.49 -37.84 -25.36
C ALA A 401 27.49 -37.93 -24.21
N ASP A 402 28.17 -36.81 -23.96
CA ASP A 402 29.15 -36.72 -22.89
C ASP A 402 28.37 -36.61 -21.59
N TRP A 403 27.34 -35.75 -21.60
CA TRP A 403 26.48 -35.55 -20.46
C TRP A 403 25.82 -36.89 -20.15
N GLN A 404 25.34 -37.54 -21.21
CA GLN A 404 24.67 -38.82 -21.10
C GLN A 404 25.41 -39.80 -20.20
N VAL A 405 26.73 -39.67 -20.15
CA VAL A 405 27.55 -40.54 -19.32
C VAL A 405 27.39 -40.16 -17.86
N ARG A 406 27.63 -38.88 -17.57
CA ARG A 406 27.48 -38.38 -16.21
C ARG A 406 26.10 -38.75 -15.67
N HIS A 407 25.09 -38.63 -16.52
CA HIS A 407 23.72 -38.93 -16.16
C HIS A 407 23.52 -40.35 -15.60
N ASP A 408 23.53 -41.34 -16.48
CA ASP A 408 23.34 -42.73 -16.04
C ASP A 408 24.23 -43.09 -14.85
N ALA A 409 25.36 -42.40 -14.75
CA ALA A 409 26.32 -42.61 -13.67
C ALA A 409 25.72 -42.11 -12.36
N VAL A 410 25.21 -40.88 -12.39
CA VAL A 410 24.61 -40.26 -11.21
C VAL A 410 23.43 -41.11 -10.78
N LEU A 411 22.67 -41.59 -11.75
CA LEU A 411 21.52 -42.43 -11.44
C LEU A 411 21.96 -43.66 -10.67
N GLU A 412 22.86 -44.45 -11.26
CA GLU A 412 23.34 -45.66 -10.58
C GLU A 412 23.78 -45.30 -9.17
N ALA A 413 24.23 -44.07 -8.98
CA ALA A 413 24.67 -43.61 -7.67
C ALA A 413 23.53 -43.13 -6.81
N GLY A 414 22.32 -43.59 -7.12
CA GLY A 414 21.15 -43.20 -6.34
C GLY A 414 20.60 -41.81 -6.61
N GLY A 415 20.90 -41.28 -7.79
CA GLY A 415 20.41 -39.96 -8.17
C GLY A 415 20.73 -38.86 -7.19
N LEU A 416 19.91 -37.80 -7.18
CA LEU A 416 20.14 -36.69 -6.28
C LEU A 416 19.59 -36.97 -4.87
N HIS A 417 20.34 -36.52 -3.89
CA HIS A 417 19.97 -36.70 -2.50
C HIS A 417 19.86 -35.31 -1.86
N ILE A 418 18.72 -35.02 -1.25
CA ILE A 418 18.57 -33.74 -0.61
C ILE A 418 18.48 -34.01 0.88
N ILE A 419 18.94 -33.05 1.66
CA ILE A 419 18.94 -33.18 3.11
C ILE A 419 18.40 -31.92 3.77
N GLY A 420 17.24 -32.04 4.41
CA GLY A 420 16.65 -30.90 5.07
C GLY A 420 17.37 -30.67 6.39
N THR A 421 17.87 -29.45 6.62
CA THR A 421 18.58 -29.18 7.85
C THR A 421 17.60 -29.02 8.99
N GLU A 422 16.33 -28.80 8.66
CA GLU A 422 15.28 -28.63 9.66
C GLU A 422 13.90 -28.64 9.03
N ARG A 423 12.93 -29.21 9.73
CA ARG A 423 11.55 -29.19 9.29
C ARG A 423 10.94 -27.81 9.45
N HIS A 424 10.11 -27.41 8.49
CA HIS A 424 9.37 -26.16 8.57
C HIS A 424 8.09 -26.34 9.38
N GLU A 425 7.55 -25.24 9.88
CA GLU A 425 6.25 -25.24 10.54
C GLU A 425 5.27 -26.10 9.75
N SER A 426 5.35 -26.00 8.42
CA SER A 426 4.47 -26.73 7.51
C SER A 426 5.20 -27.82 6.73
N ARG A 427 4.72 -29.05 6.85
CA ARG A 427 5.32 -30.17 6.14
C ARG A 427 5.32 -29.89 4.65
N ARG A 428 4.25 -29.24 4.20
CA ARG A 428 4.10 -28.90 2.81
C ARG A 428 5.40 -28.26 2.33
N ILE A 429 5.87 -27.30 3.10
CA ILE A 429 7.10 -26.62 2.77
C ILE A 429 8.27 -27.58 2.69
N ASP A 430 8.47 -28.38 3.74
CA ASP A 430 9.61 -29.29 3.67
C ASP A 430 9.27 -30.54 2.86
N ASN A 431 8.41 -30.34 1.86
CA ASN A 431 8.01 -31.40 0.94
C ASN A 431 8.46 -30.86 -0.41
N GLN A 432 8.44 -29.53 -0.50
CA GLN A 432 8.88 -28.83 -1.71
C GLN A 432 10.36 -29.15 -1.88
N LEU A 433 11.05 -29.31 -0.76
CA LEU A 433 12.46 -29.62 -0.77
C LEU A 433 12.68 -31.01 -1.36
N ARG A 434 11.99 -32.01 -0.81
CA ARG A 434 12.11 -33.38 -1.28
C ARG A 434 11.91 -33.46 -2.77
N GLY A 435 10.84 -32.82 -3.24
CA GLY A 435 10.50 -32.81 -4.65
C GLY A 435 11.61 -32.37 -5.59
N ARG A 436 12.51 -31.52 -5.14
CA ARG A 436 13.62 -31.13 -6.01
C ARG A 436 14.36 -32.39 -6.46
N SER A 437 14.03 -33.52 -5.86
CA SER A 437 14.67 -34.78 -6.17
C SER A 437 13.74 -35.87 -6.67
N GLY A 438 14.32 -36.83 -7.41
CA GLY A 438 13.57 -37.95 -7.95
C GLY A 438 12.45 -37.58 -8.91
N ARG A 439 12.69 -36.61 -9.77
CA ARG A 439 11.66 -36.19 -10.70
C ARG A 439 11.60 -37.02 -12.01
N GLN A 440 10.49 -36.91 -12.73
CA GLN A 440 10.25 -37.67 -13.95
C GLN A 440 10.75 -39.10 -13.81
N GLY A 441 10.54 -39.69 -12.64
CA GLY A 441 10.94 -41.07 -12.41
C GLY A 441 12.34 -41.31 -11.87
N ASP A 442 13.14 -40.24 -11.74
CA ASP A 442 14.50 -40.36 -11.24
C ASP A 442 14.66 -41.00 -9.88
N ALA A 443 15.71 -41.78 -9.74
CA ALA A 443 16.02 -42.45 -8.50
C ALA A 443 16.84 -41.46 -7.67
N GLY A 444 16.35 -41.11 -6.49
CA GLY A 444 17.08 -40.19 -5.63
C GLY A 444 16.69 -40.50 -4.20
N SER A 445 17.04 -39.63 -3.27
CA SER A 445 16.71 -39.86 -1.87
C SER A 445 16.69 -38.57 -1.07
N SER A 446 15.99 -38.59 0.06
CA SER A 446 15.91 -37.39 0.88
C SER A 446 16.02 -37.78 2.34
N ARG A 447 16.61 -36.88 3.14
CA ARG A 447 16.82 -37.10 4.56
C ARG A 447 16.59 -35.81 5.32
N PHE A 448 16.05 -35.93 6.51
CA PHE A 448 15.81 -34.76 7.34
C PHE A 448 16.58 -34.92 8.65
N TYR A 449 17.31 -33.88 9.02
CA TYR A 449 18.08 -33.92 10.25
C TYR A 449 17.49 -32.95 11.25
N LEU A 450 16.78 -33.49 12.23
CA LEU A 450 16.17 -32.66 13.25
C LEU A 450 17.10 -32.51 14.45
N SER A 451 16.77 -31.59 15.32
CA SER A 451 17.59 -31.36 16.49
C SER A 451 16.75 -31.17 17.74
N MET A 452 17.15 -31.86 18.80
CA MET A 452 16.44 -31.74 20.06
C MET A 452 16.61 -30.32 20.57
N GLU A 453 17.78 -29.76 20.30
CA GLU A 453 18.08 -28.41 20.73
C GLU A 453 17.10 -27.42 20.09
N ASP A 454 16.28 -27.90 19.15
CA ASP A 454 15.30 -27.05 18.48
C ASP A 454 14.05 -26.83 19.31
N ALA A 455 14.13 -27.18 20.59
CA ALA A 455 12.99 -27.01 21.48
C ALA A 455 12.80 -25.53 21.79
N LEU A 456 12.18 -24.80 20.87
CA LEU A 456 11.94 -23.36 21.06
C LEU A 456 10.47 -23.01 20.85
N GLY B 13 -4.14 38.45 -7.82
CA GLY B 13 -4.05 39.93 -8.08
C GLY B 13 -5.43 40.54 -8.23
N SER B 14 -5.72 41.06 -9.41
CA SER B 14 -7.03 41.65 -9.65
C SER B 14 -8.03 40.49 -9.69
N ARG B 15 -7.51 39.27 -9.87
CA ARG B 15 -8.34 38.07 -9.92
C ARG B 15 -8.83 37.72 -8.53
N ASN B 16 -7.91 37.73 -7.56
CA ASN B 16 -8.28 37.43 -6.18
C ASN B 16 -9.30 38.45 -5.72
N ASP B 17 -9.18 39.68 -6.21
CA ASP B 17 -10.09 40.75 -5.85
C ASP B 17 -11.50 40.53 -6.39
N ARG B 18 -11.61 40.40 -7.71
CA ARG B 18 -12.91 40.21 -8.35
C ARG B 18 -13.65 39.00 -7.78
N THR B 19 -12.89 37.97 -7.42
CA THR B 19 -13.45 36.75 -6.85
C THR B 19 -13.90 36.97 -5.40
N LEU B 20 -13.17 37.81 -4.68
CA LEU B 20 -13.50 38.09 -3.29
C LEU B 20 -14.67 39.07 -3.27
N ARG B 21 -14.58 40.09 -4.13
CA ARG B 21 -15.64 41.08 -4.25
C ARG B 21 -16.92 40.32 -4.64
N ARG B 22 -16.76 39.43 -5.62
CA ARG B 22 -17.82 38.58 -6.16
C ARG B 22 -18.76 38.04 -5.08
N MET B 23 -18.19 37.23 -4.20
CA MET B 23 -18.94 36.60 -3.12
C MET B 23 -19.08 37.51 -1.91
N ARG B 24 -18.26 38.56 -1.88
CA ARG B 24 -18.29 39.50 -0.77
C ARG B 24 -19.73 40.01 -0.63
N LYS B 25 -20.41 40.14 -1.76
CA LYS B 25 -21.80 40.61 -1.79
C LYS B 25 -22.73 39.57 -1.19
N VAL B 26 -22.52 38.32 -1.57
CA VAL B 26 -23.33 37.22 -1.08
C VAL B 26 -23.22 37.21 0.44
N VAL B 27 -22.12 37.76 0.94
CA VAL B 27 -21.86 37.84 2.37
C VAL B 27 -22.82 38.87 2.94
N ASN B 28 -22.96 40.00 2.26
CA ASN B 28 -23.86 41.05 2.71
C ASN B 28 -25.27 40.48 2.84
N ILE B 29 -25.67 39.66 1.89
CA ILE B 29 -27.00 39.04 1.90
C ILE B 29 -27.19 38.23 3.17
N ILE B 30 -26.20 37.41 3.50
CA ILE B 30 -26.26 36.56 4.68
C ILE B 30 -26.49 37.38 5.95
N ASN B 31 -25.91 38.57 6.01
CA ASN B 31 -26.04 39.45 7.16
C ASN B 31 -27.44 40.05 7.23
N ALA B 32 -28.09 40.15 6.07
CA ALA B 32 -29.43 40.70 5.98
C ALA B 32 -30.48 39.71 6.52
N MET B 33 -30.20 38.43 6.37
CA MET B 33 -31.12 37.39 6.82
C MET B 33 -30.91 37.13 8.31
N GLU B 34 -30.00 37.87 8.93
CA GLU B 34 -29.71 37.64 10.33
C GLU B 34 -30.85 38.06 11.22
N PRO B 35 -31.45 39.24 10.99
CA PRO B 35 -32.56 39.65 11.85
C PRO B 35 -33.75 38.71 11.76
N GLU B 36 -33.88 38.05 10.60
CA GLU B 36 -34.97 37.13 10.36
C GLU B 36 -34.73 35.84 11.15
N MET B 37 -33.71 35.10 10.73
CA MET B 37 -33.32 33.84 11.37
C MET B 37 -33.26 33.95 12.89
N GLU B 38 -32.96 35.16 13.37
CA GLU B 38 -32.86 35.42 14.81
C GLU B 38 -34.17 35.19 15.52
N LYS B 39 -35.25 35.21 14.76
CA LYS B 39 -36.58 35.02 15.32
C LYS B 39 -37.09 33.56 15.33
N LEU B 40 -36.78 32.80 14.27
CA LEU B 40 -37.20 31.40 14.17
C LEU B 40 -36.91 30.64 15.46
N SER B 41 -37.91 29.93 15.98
CA SER B 41 -37.74 29.18 17.23
C SER B 41 -36.71 28.07 17.05
N ASP B 42 -36.27 27.49 18.16
CA ASP B 42 -35.30 26.41 18.11
C ASP B 42 -35.80 25.31 17.18
N GLU B 43 -37.02 24.83 17.44
CA GLU B 43 -37.62 23.79 16.62
C GLU B 43 -37.74 24.25 15.17
N GLU B 44 -38.12 25.50 14.98
CA GLU B 44 -38.26 26.04 13.64
C GLU B 44 -36.92 26.15 12.94
N LEU B 45 -35.88 26.41 13.73
CA LEU B 45 -34.53 26.54 13.21
C LEU B 45 -34.04 25.15 12.80
N LYS B 46 -34.03 24.23 13.76
CA LYS B 46 -33.61 22.86 13.52
C LYS B 46 -34.30 22.31 12.27
N GLY B 47 -35.63 22.44 12.24
CA GLY B 47 -36.38 21.94 11.10
C GLY B 47 -36.09 22.66 9.81
N LYS B 48 -35.11 23.56 9.84
CA LYS B 48 -34.75 24.33 8.65
C LYS B 48 -34.04 23.39 7.67
N THR B 49 -33.51 22.30 8.21
CA THR B 49 -32.80 21.31 7.40
C THR B 49 -33.79 20.51 6.55
N ALA B 50 -34.87 20.07 7.18
CA ALA B 50 -35.90 19.30 6.47
C ALA B 50 -36.27 20.07 5.20
N GLU B 51 -36.59 21.35 5.37
CA GLU B 51 -36.94 22.22 4.26
C GLU B 51 -35.87 22.21 3.19
N PHE B 52 -34.62 22.40 3.59
CA PHE B 52 -33.49 22.41 2.65
C PHE B 52 -33.40 21.09 1.91
N ARG B 53 -33.62 19.99 2.63
CA ARG B 53 -33.55 18.68 2.03
C ARG B 53 -34.67 18.53 1.01
N ALA B 54 -35.88 18.91 1.40
CA ALA B 54 -37.02 18.83 0.49
C ALA B 54 -36.72 19.68 -0.73
N ARG B 55 -36.41 20.96 -0.50
CA ARG B 55 -36.09 21.90 -1.58
C ARG B 55 -35.13 21.29 -2.58
N LEU B 56 -34.02 20.76 -2.07
CA LEU B 56 -33.01 20.14 -2.92
C LEU B 56 -33.58 18.89 -3.58
N GLU B 57 -34.35 18.13 -2.80
CA GLU B 57 -34.98 16.90 -3.27
C GLU B 57 -35.88 17.24 -4.47
N LYS B 58 -36.44 18.45 -4.44
CA LYS B 58 -37.32 18.90 -5.52
C LYS B 58 -36.47 19.31 -6.72
N GLY B 59 -35.16 19.11 -6.61
CA GLY B 59 -34.26 19.44 -7.70
C GLY B 59 -33.82 20.89 -7.78
N GLU B 60 -33.78 21.57 -6.65
CA GLU B 60 -33.37 22.97 -6.62
C GLU B 60 -31.85 23.03 -6.71
N VAL B 61 -31.32 24.13 -7.23
CA VAL B 61 -29.88 24.32 -7.38
C VAL B 61 -29.09 24.30 -6.06
N LEU B 62 -28.00 23.54 -6.05
CA LEU B 62 -27.13 23.40 -4.88
C LEU B 62 -26.67 24.74 -4.32
N GLU B 63 -25.86 25.43 -5.09
CA GLU B 63 -25.30 26.72 -4.69
C GLU B 63 -26.37 27.81 -4.69
N ASN B 64 -27.64 27.42 -4.60
CA ASN B 64 -28.70 28.42 -4.60
C ASN B 64 -29.15 28.76 -3.19
N LEU B 65 -29.06 27.80 -2.27
CA LEU B 65 -29.46 28.06 -0.91
C LEU B 65 -28.27 28.29 0.01
N ILE B 66 -27.19 28.82 -0.57
CA ILE B 66 -25.99 29.12 0.19
C ILE B 66 -26.22 30.30 1.16
N PRO B 67 -26.65 31.47 0.65
CA PRO B 67 -26.86 32.58 1.59
C PRO B 67 -27.82 32.23 2.72
N GLU B 68 -28.86 31.47 2.40
CA GLU B 68 -29.85 31.06 3.40
C GLU B 68 -29.29 29.99 4.34
N ALA B 69 -28.61 29.00 3.77
CA ALA B 69 -28.04 27.89 4.55
C ALA B 69 -26.97 28.39 5.53
N PHE B 70 -26.06 29.23 5.03
CA PHE B 70 -24.99 29.78 5.85
C PHE B 70 -25.57 30.65 6.96
N ALA B 71 -26.69 31.32 6.68
CA ALA B 71 -27.33 32.18 7.67
C ALA B 71 -27.85 31.32 8.82
N VAL B 72 -28.25 30.10 8.48
CA VAL B 72 -28.78 29.16 9.45
C VAL B 72 -27.67 28.63 10.36
N VAL B 73 -26.57 28.20 9.72
CA VAL B 73 -25.42 27.67 10.46
C VAL B 73 -24.90 28.72 11.44
N ARG B 74 -24.88 29.98 11.01
CA ARG B 74 -24.42 31.04 11.88
C ARG B 74 -25.31 31.06 13.10
N GLU B 75 -26.62 31.16 12.86
CA GLU B 75 -27.59 31.20 13.93
C GLU B 75 -27.45 30.05 14.94
N ALA B 76 -27.47 28.83 14.43
CA ALA B 76 -27.35 27.63 15.27
C ALA B 76 -26.09 27.70 16.12
N SER B 77 -24.98 28.08 15.48
CA SER B 77 -23.67 28.21 16.10
C SER B 77 -23.71 29.22 17.23
N LYS B 78 -24.26 30.39 16.91
CA LYS B 78 -24.41 31.49 17.87
C LYS B 78 -25.21 30.98 19.06
N ARG B 79 -26.18 30.11 18.80
CA ARG B 79 -27.00 29.54 19.85
C ARG B 79 -26.35 28.39 20.62
N VAL B 80 -25.79 27.42 19.89
CA VAL B 80 -25.15 26.26 20.51
C VAL B 80 -23.79 26.54 21.15
N PHE B 81 -22.91 27.22 20.42
CA PHE B 81 -21.56 27.53 20.93
C PHE B 81 -21.51 28.97 21.41
N GLY B 82 -22.36 29.80 20.81
CA GLY B 82 -22.37 31.20 21.16
C GLY B 82 -21.27 31.86 20.38
N MET B 83 -21.12 31.45 19.12
CA MET B 83 -20.11 32.00 18.25
C MET B 83 -20.75 32.39 16.93
N ARG B 84 -20.83 33.67 16.63
CA ARG B 84 -21.41 34.14 15.38
C ARG B 84 -20.31 34.18 14.32
N HIS B 85 -20.48 33.40 13.26
CA HIS B 85 -19.49 33.38 12.18
C HIS B 85 -19.16 34.77 11.67
N PHE B 86 -17.87 35.12 11.71
CA PHE B 86 -17.42 36.40 11.22
C PHE B 86 -17.78 36.38 9.76
N ASP B 87 -18.15 37.53 9.19
CA ASP B 87 -18.49 37.51 7.78
C ASP B 87 -17.28 36.99 6.98
N VAL B 88 -16.08 37.36 7.43
CA VAL B 88 -14.88 36.86 6.76
C VAL B 88 -14.88 35.33 6.80
N GLN B 89 -15.44 34.73 7.86
CA GLN B 89 -15.52 33.27 7.92
C GLN B 89 -16.49 32.77 6.85
N LEU B 90 -17.57 33.52 6.65
CA LEU B 90 -18.54 33.16 5.64
C LEU B 90 -17.93 33.26 4.25
N LEU B 91 -17.06 34.25 4.08
CA LEU B 91 -16.28 34.38 2.88
C LEU B 91 -15.52 33.06 2.66
N GLY B 92 -14.84 32.61 3.71
CA GLY B 92 -14.09 31.37 3.65
C GLY B 92 -14.93 30.17 3.32
N GLY B 93 -16.08 30.04 3.97
CA GLY B 93 -16.96 28.92 3.69
C GLY B 93 -17.21 28.84 2.20
N MET B 94 -17.74 29.92 1.63
CA MET B 94 -18.01 29.96 0.20
C MET B 94 -16.84 29.43 -0.63
N VAL B 95 -15.63 29.92 -0.38
CA VAL B 95 -14.48 29.46 -1.14
C VAL B 95 -14.33 27.95 -1.05
N LEU B 96 -14.63 27.40 0.13
CA LEU B 96 -14.53 25.96 0.39
C LEU B 96 -15.59 25.12 -0.32
N ASN B 97 -16.48 25.78 -1.02
CA ASN B 97 -17.54 25.04 -1.70
C ASN B 97 -17.32 25.06 -3.19
N GLU B 98 -16.21 25.63 -3.63
CA GLU B 98 -15.95 25.73 -5.04
C GLU B 98 -14.77 25.03 -5.71
N ARG B 99 -14.20 24.01 -5.08
CA ARG B 99 -12.91 23.45 -5.53
C ARG B 99 -11.85 24.54 -5.46
N CYS B 100 -11.82 25.21 -4.31
CA CYS B 100 -10.86 26.26 -4.08
C CYS B 100 -10.07 25.98 -2.84
N ILE B 101 -9.05 26.79 -2.62
CA ILE B 101 -8.22 26.69 -1.43
C ILE B 101 -8.42 28.01 -0.71
N ALA B 102 -9.18 27.99 0.39
CA ALA B 102 -9.41 29.21 1.13
C ALA B 102 -8.23 29.43 2.07
N GLU B 103 -7.42 30.44 1.80
CA GLU B 103 -6.29 30.71 2.70
C GLU B 103 -6.73 31.63 3.83
N MET B 104 -6.67 31.12 5.05
CA MET B 104 -7.07 31.92 6.18
C MET B 104 -6.02 31.75 7.29
N ARG B 105 -5.51 32.87 7.76
CA ARG B 105 -4.48 32.83 8.79
C ARG B 105 -4.79 32.09 10.10
N THR B 106 -3.74 31.58 10.72
CA THR B 106 -3.83 30.86 11.99
C THR B 106 -4.61 31.71 13.01
N GLY B 107 -5.60 31.10 13.67
CA GLY B 107 -6.40 31.84 14.63
C GLY B 107 -7.67 32.40 14.01
N GLU B 108 -7.79 32.33 12.69
CA GLU B 108 -8.96 32.84 11.97
C GLU B 108 -10.27 32.04 12.10
N GLY B 109 -10.19 30.81 12.63
CA GLY B 109 -11.39 30.02 12.79
C GLY B 109 -11.77 29.07 11.66
N LYS B 110 -10.76 28.41 11.08
CA LYS B 110 -10.99 27.45 10.01
C LYS B 110 -11.93 26.30 10.48
N THR B 111 -11.70 25.83 11.70
CA THR B 111 -12.49 24.76 12.28
C THR B 111 -14.00 25.02 12.24
N LEU B 112 -14.39 26.26 12.54
CA LEU B 112 -15.80 26.64 12.54
C LEU B 112 -16.28 27.07 11.16
N THR B 113 -15.34 27.53 10.35
CA THR B 113 -15.66 27.99 9.02
C THR B 113 -16.06 26.80 8.13
N ALA B 114 -15.60 25.61 8.52
CA ALA B 114 -15.85 24.39 7.76
C ALA B 114 -17.23 23.84 8.01
N THR B 115 -17.83 24.18 9.15
CA THR B 115 -19.19 23.72 9.46
C THR B 115 -20.11 24.25 8.38
N LEU B 116 -19.75 25.40 7.82
CA LEU B 116 -20.52 25.99 6.76
C LEU B 116 -20.55 25.14 5.51
N PRO B 117 -19.42 25.05 4.78
CA PRO B 117 -19.51 24.24 3.57
C PRO B 117 -19.74 22.76 3.86
N ALA B 118 -19.46 22.31 5.08
CA ALA B 118 -19.68 20.91 5.43
C ALA B 118 -21.17 20.66 5.68
N TYR B 119 -21.91 21.73 5.94
CA TYR B 119 -23.33 21.63 6.18
C TYR B 119 -24.10 21.69 4.88
N LEU B 120 -23.74 22.67 4.05
CA LEU B 120 -24.30 22.77 2.71
C LEU B 120 -24.23 21.43 1.99
N ASN B 121 -23.04 20.84 1.96
CA ASN B 121 -22.85 19.56 1.29
C ASN B 121 -23.44 18.35 2.02
N ALA B 122 -23.45 18.37 3.34
CA ALA B 122 -24.00 17.24 4.09
C ALA B 122 -25.51 17.17 4.03
N LEU B 123 -26.11 17.76 3.00
CA LEU B 123 -27.56 17.74 2.85
C LEU B 123 -28.05 16.74 1.80
N THR B 124 -27.30 16.60 0.70
CA THR B 124 -27.65 15.67 -0.37
C THR B 124 -27.69 14.22 0.11
N GLY B 125 -26.99 13.94 1.20
CA GLY B 125 -26.96 12.59 1.74
C GLY B 125 -25.73 11.76 1.39
N LYS B 126 -24.94 12.26 0.45
CA LYS B 126 -23.73 11.59 -0.02
C LYS B 126 -22.57 11.58 1.00
N GLY B 127 -22.69 12.36 2.06
CA GLY B 127 -21.64 12.40 3.07
C GLY B 127 -20.63 13.50 2.82
N VAL B 128 -19.83 13.82 3.83
CA VAL B 128 -18.80 14.86 3.74
C VAL B 128 -17.55 14.42 4.49
N HIS B 129 -16.40 14.52 3.83
CA HIS B 129 -15.13 14.10 4.43
C HIS B 129 -14.19 15.26 4.79
N VAL B 130 -14.16 15.64 6.07
CA VAL B 130 -13.28 16.71 6.54
C VAL B 130 -11.97 16.03 6.91
N VAL B 131 -10.88 16.42 6.26
CA VAL B 131 -9.56 15.82 6.50
C VAL B 131 -8.67 16.63 7.44
N THR B 132 -7.96 15.98 8.36
CA THR B 132 -7.03 16.69 9.24
C THR B 132 -5.66 16.03 9.25
N VAL B 133 -4.67 16.78 9.72
CA VAL B 133 -3.28 16.32 9.76
C VAL B 133 -3.02 15.13 10.69
N ASN B 134 -3.80 15.01 11.76
CA ASN B 134 -3.61 13.90 12.68
C ASN B 134 -4.87 13.42 13.41
N ASP B 135 -4.79 12.20 13.95
CA ASP B 135 -5.91 11.60 14.67
C ASP B 135 -6.49 12.45 15.78
N TYR B 136 -5.63 12.99 16.64
CA TYR B 136 -6.08 13.83 17.74
C TYR B 136 -7.00 14.95 17.25
N LEU B 137 -6.52 15.71 16.27
CA LEU B 137 -7.30 16.82 15.72
C LEU B 137 -8.64 16.35 15.13
N ALA B 138 -8.57 15.33 14.27
CA ALA B 138 -9.76 14.80 13.60
C ALA B 138 -10.87 14.50 14.60
N GLN B 139 -10.55 13.73 15.63
CA GLN B 139 -11.56 13.41 16.62
C GLN B 139 -11.90 14.67 17.42
N ARG B 140 -10.86 15.33 17.94
CA ARG B 140 -11.05 16.56 18.72
C ARG B 140 -12.05 17.47 18.02
N ASP B 141 -11.83 17.72 16.74
CA ASP B 141 -12.71 18.58 15.97
C ASP B 141 -14.13 18.07 15.88
N ALA B 142 -14.32 16.83 15.46
CA ALA B 142 -15.65 16.22 15.35
C ALA B 142 -16.34 16.39 16.70
N GLU B 143 -15.66 15.93 17.74
CA GLU B 143 -16.14 16.01 19.11
C GLU B 143 -16.84 17.34 19.41
N ASN B 144 -16.06 18.41 19.46
CA ASN B 144 -16.59 19.72 19.79
C ASN B 144 -17.02 20.59 18.61
N ASN B 145 -17.59 19.96 17.60
CA ASN B 145 -18.06 20.68 16.44
C ASN B 145 -19.36 19.98 16.18
N ARG B 146 -19.56 18.87 16.90
CA ARG B 146 -20.74 18.03 16.77
C ARG B 146 -22.05 18.70 17.17
N PRO B 147 -22.14 19.21 18.42
CA PRO B 147 -23.35 19.86 18.92
C PRO B 147 -24.02 20.78 17.88
N LEU B 148 -23.22 21.50 17.11
CA LEU B 148 -23.79 22.37 16.09
C LEU B 148 -24.44 21.48 15.05
N PHE B 149 -23.77 20.38 14.71
CA PHE B 149 -24.24 19.45 13.69
C PHE B 149 -25.42 18.57 14.12
N GLU B 150 -25.45 18.16 15.38
CA GLU B 150 -26.57 17.34 15.85
C GLU B 150 -27.81 18.26 15.97
N PHE B 151 -27.57 19.53 16.27
CA PHE B 151 -28.63 20.51 16.40
C PHE B 151 -29.35 20.60 15.05
N LEU B 152 -28.60 20.99 14.02
CA LEU B 152 -29.14 21.11 12.68
C LEU B 152 -29.65 19.78 12.14
N GLY B 153 -29.70 18.78 13.01
CA GLY B 153 -30.19 17.46 12.64
C GLY B 153 -29.31 16.65 11.70
N LEU B 154 -28.02 16.56 12.02
CA LEU B 154 -27.10 15.80 11.20
C LEU B 154 -26.27 14.89 12.09
N THR B 155 -25.72 13.83 11.51
CA THR B 155 -24.88 12.92 12.29
C THR B 155 -23.42 13.12 11.90
N VAL B 156 -22.57 12.98 12.89
CA VAL B 156 -21.15 13.18 12.74
C VAL B 156 -20.42 11.90 13.09
N GLY B 157 -19.59 11.41 12.17
CA GLY B 157 -18.82 10.20 12.42
C GLY B 157 -17.32 10.48 12.55
N ILE B 158 -16.62 9.62 13.25
CA ILE B 158 -15.18 9.81 13.42
C ILE B 158 -14.42 8.55 12.96
N ASN B 159 -13.67 8.67 11.86
CA ASN B 159 -12.91 7.54 11.34
C ASN B 159 -11.49 7.52 11.90
N LEU B 160 -11.15 6.42 12.56
CA LEU B 160 -9.84 6.23 13.18
C LEU B 160 -9.21 4.89 12.77
N PRO B 161 -7.88 4.75 12.94
CA PRO B 161 -7.09 3.55 12.61
C PRO B 161 -7.54 2.15 13.08
N GLY B 162 -7.77 1.96 14.37
CA GLY B 162 -8.15 0.63 14.82
C GLY B 162 -9.63 0.31 14.91
N MET B 163 -10.43 0.96 14.07
CA MET B 163 -11.86 0.73 14.10
C MET B 163 -12.19 -0.45 13.22
N PRO B 164 -12.88 -1.46 13.78
CA PRO B 164 -13.25 -2.65 13.00
C PRO B 164 -14.12 -2.18 11.83
N ALA B 165 -14.23 -3.02 10.82
CA ALA B 165 -15.03 -2.67 9.65
C ALA B 165 -16.39 -2.13 10.05
N PRO B 166 -17.07 -2.81 10.99
CA PRO B 166 -18.39 -2.36 11.44
C PRO B 166 -18.38 -0.88 11.79
N ALA B 167 -17.54 -0.54 12.77
CA ALA B 167 -17.42 0.83 13.22
C ALA B 167 -17.21 1.80 12.05
N LYS B 168 -16.29 1.44 11.16
CA LYS B 168 -15.99 2.30 10.02
C LYS B 168 -17.14 2.49 9.06
N ARG B 169 -18.01 1.51 8.94
CA ARG B 169 -19.17 1.67 8.07
C ARG B 169 -20.01 2.77 8.72
N GLU B 170 -20.07 2.74 10.06
CA GLU B 170 -20.79 3.73 10.85
C GLU B 170 -20.25 5.16 10.62
N ALA B 171 -18.96 5.34 10.88
CA ALA B 171 -18.34 6.65 10.69
C ALA B 171 -18.49 7.22 9.26
N TYR B 172 -18.58 6.36 8.27
CA TYR B 172 -18.74 6.84 6.90
C TYR B 172 -20.23 6.92 6.57
N ALA B 173 -21.03 6.33 7.45
CA ALA B 173 -22.49 6.32 7.28
C ALA B 173 -23.09 7.67 7.61
N ALA B 174 -22.49 8.36 8.57
CA ALA B 174 -22.97 9.66 8.98
C ALA B 174 -22.99 10.66 7.82
N ASP B 175 -23.55 11.84 8.06
CA ASP B 175 -23.63 12.88 7.04
C ASP B 175 -22.29 13.59 6.96
N ILE B 176 -21.62 13.67 8.11
CA ILE B 176 -20.31 14.32 8.21
C ILE B 176 -19.27 13.42 8.88
N THR B 177 -18.15 13.23 8.21
CA THR B 177 -17.07 12.39 8.76
C THR B 177 -15.72 13.09 8.94
N TYR B 178 -15.00 12.71 10.00
CA TYR B 178 -13.69 13.27 10.30
C TYR B 178 -12.63 12.17 10.40
N GLY B 179 -11.46 12.43 9.82
CA GLY B 179 -10.36 11.47 9.87
C GLY B 179 -9.10 12.13 9.33
N THR B 180 -7.99 11.39 9.20
CA THR B 180 -6.74 11.93 8.66
C THR B 180 -6.63 11.45 7.24
N ASN B 181 -5.89 12.18 6.40
CA ASN B 181 -5.75 11.79 5.00
C ASN B 181 -5.36 10.31 4.89
N ASN B 182 -4.32 9.91 5.61
CA ASN B 182 -3.87 8.52 5.55
C ASN B 182 -4.98 7.50 5.74
N GLU B 183 -5.62 7.49 6.91
CA GLU B 183 -6.69 6.52 7.18
C GLU B 183 -7.77 6.50 6.11
N TYR B 184 -8.18 7.66 5.64
CA TYR B 184 -9.18 7.69 4.59
C TYR B 184 -8.59 6.91 3.41
N GLY B 185 -7.38 7.30 3.00
CA GLY B 185 -6.72 6.63 1.90
C GLY B 185 -6.61 5.16 2.16
N PHE B 186 -6.01 4.80 3.29
CA PHE B 186 -5.87 3.40 3.67
C PHE B 186 -7.17 2.64 3.59
N ASP B 187 -8.27 3.27 4.01
CA ASP B 187 -9.57 2.63 3.94
C ASP B 187 -9.85 2.34 2.48
N TYR B 188 -9.56 3.31 1.62
CA TYR B 188 -9.78 3.17 0.20
C TYR B 188 -8.93 2.04 -0.40
N LEU B 189 -7.70 1.87 0.09
CA LEU B 189 -6.85 0.81 -0.41
C LEU B 189 -7.42 -0.51 0.04
N ARG B 190 -7.84 -0.56 1.30
CA ARG B 190 -8.42 -1.76 1.85
C ARG B 190 -9.80 -2.11 1.25
N ASP B 191 -10.56 -1.10 0.82
CA ASP B 191 -11.86 -1.36 0.21
C ASP B 191 -11.73 -2.02 -1.16
N ASN B 192 -10.59 -1.78 -1.82
CA ASN B 192 -10.31 -2.36 -3.14
C ASN B 192 -9.89 -3.81 -3.02
N MET B 193 -9.35 -4.15 -1.85
CA MET B 193 -8.92 -5.50 -1.55
C MET B 193 -10.01 -6.16 -0.73
N ALA B 194 -11.25 -5.77 -1.01
CA ALA B 194 -12.43 -6.28 -0.30
C ALA B 194 -12.97 -7.56 -0.92
N PHE B 195 -13.50 -8.43 -0.06
CA PHE B 195 -14.07 -9.70 -0.48
C PHE B 195 -15.24 -9.43 -1.41
N SER B 196 -16.27 -8.83 -0.83
CA SER B 196 -17.49 -8.48 -1.55
C SER B 196 -17.84 -7.04 -1.21
N PRO B 197 -18.44 -6.31 -2.16
CA PRO B 197 -18.82 -4.92 -1.92
C PRO B 197 -19.39 -4.68 -0.52
N GLU B 198 -20.23 -5.59 -0.05
CA GLU B 198 -20.83 -5.47 1.27
C GLU B 198 -19.82 -5.58 2.40
N GLU B 199 -18.53 -5.56 2.06
CA GLU B 199 -17.49 -5.66 3.07
C GLU B 199 -16.72 -4.35 3.13
N ARG B 200 -17.00 -3.48 2.18
CA ARG B 200 -16.38 -2.17 2.09
C ARG B 200 -16.87 -1.25 3.20
N VAL B 201 -16.01 -0.37 3.69
CA VAL B 201 -16.39 0.54 4.77
C VAL B 201 -16.72 1.95 4.32
N GLN B 202 -16.24 2.35 3.14
CA GLN B 202 -16.51 3.69 2.63
C GLN B 202 -17.73 3.72 1.73
N ARG B 203 -18.08 4.92 1.27
CA ARG B 203 -19.17 5.15 0.35
C ARG B 203 -18.46 5.75 -0.84
N LYS B 204 -19.15 5.95 -1.95
CA LYS B 204 -18.54 6.63 -3.08
C LYS B 204 -18.07 7.99 -2.58
N LEU B 205 -16.80 8.29 -2.82
CA LEU B 205 -16.18 9.54 -2.40
C LEU B 205 -16.92 10.74 -3.04
N HIS B 206 -17.36 11.66 -2.20
CA HIS B 206 -18.11 12.81 -2.67
C HIS B 206 -17.38 14.14 -2.50
N TYR B 207 -17.44 14.66 -1.28
CA TYR B 207 -16.84 15.94 -0.91
C TYR B 207 -15.77 15.75 0.15
N ALA B 208 -14.61 16.35 -0.07
CA ALA B 208 -13.50 16.28 0.86
C ALA B 208 -13.03 17.68 1.16
N LEU B 209 -13.16 18.07 2.42
CA LEU B 209 -12.75 19.39 2.88
C LEU B 209 -11.45 19.14 3.65
N VAL B 210 -10.34 19.54 3.06
CA VAL B 210 -9.04 19.33 3.69
C VAL B 210 -8.61 20.51 4.56
N ASP B 211 -8.42 20.26 5.86
CA ASP B 211 -7.97 21.29 6.78
C ASP B 211 -6.44 21.16 6.64
N GLU B 212 -5.77 22.29 6.46
CA GLU B 212 -4.32 22.30 6.42
C GLU B 212 -3.89 21.68 5.09
N VAL B 213 -4.56 22.09 4.01
CA VAL B 213 -4.27 21.59 2.68
C VAL B 213 -2.81 21.46 2.26
N ASP B 214 -2.02 22.50 2.46
CA ASP B 214 -0.62 22.43 2.03
C ASP B 214 0.08 21.24 2.66
N SER B 215 -0.07 21.12 3.98
CA SER B 215 0.54 20.02 4.70
C SER B 215 0.10 18.70 4.07
N ILE B 216 -1.21 18.50 3.98
CA ILE B 216 -1.78 17.29 3.43
C ILE B 216 -1.56 17.02 1.94
N LEU B 217 -1.81 18.02 1.09
CA LEU B 217 -1.66 17.81 -0.34
C LEU B 217 -0.32 18.13 -0.98
N ILE B 218 0.60 18.71 -0.22
CA ILE B 218 1.91 19.03 -0.77
C ILE B 218 3.01 18.31 -0.04
N ASP B 219 3.13 18.56 1.26
CA ASP B 219 4.15 17.90 2.07
C ASP B 219 3.92 16.40 2.15
N GLU B 220 2.66 15.99 2.36
CA GLU B 220 2.34 14.57 2.48
C GLU B 220 2.55 13.79 1.20
N ALA B 221 2.49 14.45 0.04
CA ALA B 221 2.72 13.76 -1.24
C ALA B 221 4.15 13.24 -1.28
N ARG B 222 4.52 12.51 -0.23
CA ARG B 222 5.85 11.92 -0.06
C ARG B 222 5.96 10.42 -0.29
N THR B 223 4.88 9.83 -0.79
CA THR B 223 4.83 8.40 -1.13
C THR B 223 5.03 7.32 -0.06
N PRO B 224 3.95 6.62 0.33
CA PRO B 224 4.11 5.57 1.33
C PRO B 224 4.80 4.39 0.62
N LEU B 225 5.62 3.64 1.34
CA LEU B 225 6.32 2.51 0.76
C LEU B 225 5.76 1.18 1.22
N ILE B 226 5.27 0.43 0.25
CA ILE B 226 4.69 -0.89 0.50
C ILE B 226 5.83 -1.92 0.60
N ILE B 227 5.78 -2.73 1.65
CA ILE B 227 6.78 -3.75 1.92
C ILE B 227 6.19 -4.94 2.66
N LEU B 234 7.78 -4.83 -2.47
CA LEU B 234 8.19 -3.43 -2.48
C LEU B 234 7.41 -2.63 -3.53
N ALA B 235 6.74 -1.57 -3.10
CA ALA B 235 5.97 -0.76 -4.04
C ALA B 235 5.97 0.68 -3.54
N SER B 236 5.72 1.61 -4.45
CA SER B 236 5.71 3.03 -4.11
C SER B 236 4.54 3.70 -4.79
N ILE B 237 3.65 4.29 -4.00
CA ILE B 237 2.48 4.96 -4.56
C ILE B 237 2.23 6.20 -3.74
N THR B 238 1.39 7.09 -4.26
CA THR B 238 1.08 8.34 -3.56
C THR B 238 -0.42 8.60 -3.44
N PHE B 239 -0.84 9.14 -2.30
CA PHE B 239 -2.24 9.45 -2.05
C PHE B 239 -2.57 10.77 -2.71
N GLN B 240 -1.68 11.22 -3.59
CA GLN B 240 -1.88 12.46 -4.31
C GLN B 240 -3.15 12.32 -5.13
N ASN B 241 -3.29 11.18 -5.78
CA ASN B 241 -4.46 10.97 -6.58
C ASN B 241 -5.69 10.58 -5.79
N TYR B 242 -5.51 10.16 -4.53
CA TYR B 242 -6.66 9.77 -3.72
C TYR B 242 -7.72 10.85 -3.61
N PHE B 243 -7.29 12.10 -3.48
CA PHE B 243 -8.27 13.18 -3.36
C PHE B 243 -8.80 13.66 -4.70
N ARG B 244 -8.26 13.11 -5.77
CA ARG B 244 -8.71 13.48 -7.10
C ARG B 244 -9.89 12.58 -7.49
N LEU B 245 -10.10 11.55 -6.67
CA LEU B 245 -11.19 10.63 -6.92
C LEU B 245 -12.46 11.17 -6.30
N TYR B 246 -12.33 12.22 -5.49
CA TYR B 246 -13.50 12.84 -4.87
C TYR B 246 -14.26 13.68 -5.90
N GLU B 247 -15.59 13.63 -5.85
CA GLU B 247 -16.41 14.41 -6.76
C GLU B 247 -16.06 15.88 -6.53
N LYS B 248 -16.06 16.26 -5.25
CA LYS B 248 -15.74 17.63 -4.81
C LYS B 248 -14.51 17.65 -3.89
N LEU B 249 -13.49 18.42 -4.27
CA LEU B 249 -12.28 18.55 -3.45
C LEU B 249 -12.03 20.01 -3.10
N ALA B 250 -11.92 20.29 -1.80
CA ALA B 250 -11.64 21.65 -1.34
C ALA B 250 -10.73 21.64 -0.11
N GLY B 251 -9.91 22.68 0.05
CA GLY B 251 -9.02 22.74 1.20
C GLY B 251 -8.90 24.13 1.82
N MET B 252 -8.37 24.17 3.04
CA MET B 252 -8.16 25.43 3.77
C MET B 252 -6.82 25.41 4.56
N THR B 253 -6.17 26.56 4.63
CA THR B 253 -4.90 26.67 5.33
C THR B 253 -4.50 28.13 5.58
N GLY B 254 -3.54 28.32 6.48
CA GLY B 254 -3.07 29.65 6.77
C GLY B 254 -1.81 29.94 5.96
N THR B 255 -1.52 29.07 5.00
CA THR B 255 -0.35 29.21 4.15
C THR B 255 -0.62 28.40 2.90
N ALA B 256 -0.89 29.09 1.78
CA ALA B 256 -1.17 28.43 0.51
C ALA B 256 -0.73 29.26 -0.67
N ASP B 257 -0.72 30.57 -0.46
CA ASP B 257 -0.34 31.54 -1.49
C ASP B 257 1.01 31.22 -2.12
N THR B 258 1.92 30.69 -1.31
CA THR B 258 3.24 30.32 -1.77
C THR B 258 3.08 29.30 -2.89
N GLU B 259 2.95 28.04 -2.51
CA GLU B 259 2.74 26.98 -3.49
C GLU B 259 1.29 27.08 -3.95
N ALA B 260 0.96 28.16 -4.64
CA ALA B 260 -0.40 28.37 -5.12
C ALA B 260 -0.55 27.81 -6.52
N PHE B 261 0.58 27.61 -7.19
CA PHE B 261 0.59 27.10 -8.56
C PHE B 261 0.52 25.58 -8.63
N GLU B 262 1.18 24.91 -7.68
CA GLU B 262 1.19 23.45 -7.64
C GLU B 262 -0.20 22.89 -7.30
N PHE B 263 -0.99 23.68 -6.57
CA PHE B 263 -2.34 23.27 -6.19
C PHE B 263 -3.25 23.09 -7.42
N SER B 264 -3.04 23.89 -8.46
CA SER B 264 -3.86 23.81 -9.67
C SER B 264 -3.23 22.93 -10.75
N SER B 265 -1.91 22.74 -10.68
CA SER B 265 -1.22 21.91 -11.65
C SER B 265 -1.39 20.41 -11.37
N ILE B 266 -2.07 20.09 -10.27
CA ILE B 266 -2.30 18.69 -9.90
C ILE B 266 -3.75 18.41 -9.56
N TYR B 267 -4.30 19.23 -8.68
CA TYR B 267 -5.67 19.08 -8.24
C TYR B 267 -6.58 20.10 -8.85
N LYS B 268 -6.01 20.98 -9.67
CA LYS B 268 -6.79 22.04 -10.30
C LYS B 268 -7.61 22.73 -9.22
N LEU B 269 -6.90 23.36 -8.28
CA LEU B 269 -7.52 24.07 -7.18
C LEU B 269 -7.08 25.51 -7.24
N ASP B 270 -8.04 26.42 -7.25
CA ASP B 270 -7.69 27.83 -7.26
C ASP B 270 -7.61 28.32 -5.82
N THR B 271 -6.52 29.01 -5.52
CA THR B 271 -6.26 29.54 -4.21
C THR B 271 -6.86 30.92 -4.02
N VAL B 272 -7.63 31.08 -2.96
CA VAL B 272 -8.24 32.38 -2.68
C VAL B 272 -7.74 32.82 -1.31
N VAL B 273 -7.06 33.97 -1.28
CA VAL B 273 -6.52 34.49 -0.02
C VAL B 273 -7.58 35.34 0.68
N VAL B 274 -8.23 34.75 1.68
CA VAL B 274 -9.25 35.47 2.41
C VAL B 274 -8.60 36.51 3.33
N PRO B 275 -9.26 37.67 3.51
CA PRO B 275 -8.68 38.69 4.40
C PRO B 275 -8.93 38.35 5.87
N THR B 276 -8.07 38.83 6.77
CA THR B 276 -8.23 38.55 8.20
C THR B 276 -9.36 39.37 8.80
N ASN B 277 -9.86 38.93 9.95
CA ASN B 277 -10.95 39.62 10.62
C ASN B 277 -10.48 40.99 11.13
N ARG B 278 -9.49 40.93 12.02
CA ARG B 278 -8.87 42.12 12.64
C ARG B 278 -7.50 42.32 12.01
N PRO B 279 -7.06 43.58 11.86
CA PRO B 279 -5.76 43.85 11.26
C PRO B 279 -4.60 43.10 11.94
N MET B 280 -3.74 42.51 11.12
CA MET B 280 -2.59 41.71 11.57
C MET B 280 -1.42 42.60 11.96
N ILE B 281 -1.27 42.85 13.25
CA ILE B 281 -0.23 43.72 13.78
C ILE B 281 1.00 43.01 14.36
N ARG B 282 1.12 41.71 14.14
CA ARG B 282 2.30 41.00 14.67
C ARG B 282 3.54 41.53 13.99
N LYS B 283 4.63 41.61 14.73
CA LYS B 283 5.86 42.14 14.18
C LYS B 283 6.90 41.07 13.86
N ASP B 284 7.12 40.84 12.57
CA ASP B 284 8.09 39.86 12.14
C ASP B 284 9.44 40.55 12.03
N LEU B 285 10.32 40.33 12.99
CA LEU B 285 11.64 40.95 12.99
C LEU B 285 12.62 40.29 12.03
N PRO B 286 13.64 41.05 11.59
CA PRO B 286 14.66 40.59 10.65
C PRO B 286 15.46 39.41 11.16
N ASP B 287 15.94 38.57 10.25
CA ASP B 287 16.72 37.40 10.65
C ASP B 287 18.07 37.86 11.12
N LEU B 288 18.48 37.39 12.30
CA LEU B 288 19.79 37.73 12.85
C LEU B 288 20.69 36.53 12.53
N VAL B 289 21.76 36.77 11.77
CA VAL B 289 22.67 35.69 11.41
C VAL B 289 23.86 35.62 12.34
N TYR B 290 24.21 34.41 12.75
CA TYR B 290 25.35 34.21 13.63
C TYR B 290 26.32 33.29 12.94
N MET B 291 27.54 33.25 13.43
CA MET B 291 28.56 32.40 12.83
C MET B 291 28.46 30.95 13.28
N THR B 292 28.35 30.74 14.59
CA THR B 292 28.27 29.39 15.12
C THR B 292 26.90 29.09 15.70
N GLU B 293 26.64 27.80 15.88
CA GLU B 293 25.38 27.32 16.44
C GLU B 293 25.28 27.80 17.89
N ALA B 294 26.43 27.87 18.55
CA ALA B 294 26.48 28.32 19.92
C ALA B 294 26.12 29.80 19.98
N GLU B 295 26.63 30.57 19.02
CA GLU B 295 26.33 32.00 18.97
C GLU B 295 24.83 32.21 18.84
N LYS B 296 24.19 31.27 18.13
CA LYS B 296 22.75 31.32 17.92
C LYS B 296 22.03 30.98 19.24
N ILE B 297 22.00 29.69 19.56
CA ILE B 297 21.33 29.20 20.78
C ILE B 297 21.58 30.05 22.02
N GLN B 298 22.69 30.77 22.04
CA GLN B 298 23.03 31.61 23.18
C GLN B 298 22.33 32.96 23.10
N ALA B 299 22.18 33.48 21.88
CA ALA B 299 21.52 34.77 21.69
C ALA B 299 20.03 34.64 21.87
N ILE B 300 19.53 33.41 21.74
CA ILE B 300 18.12 33.19 21.89
C ILE B 300 17.77 32.91 23.34
N ILE B 301 18.60 32.12 24.04
CA ILE B 301 18.32 31.85 25.44
C ILE B 301 18.50 33.16 26.19
N GLU B 302 19.27 34.05 25.60
CA GLU B 302 19.53 35.36 26.18
C GLU B 302 18.30 36.21 25.94
N ASP B 303 17.66 35.97 24.79
CA ASP B 303 16.46 36.72 24.42
C ASP B 303 15.25 36.27 25.21
N ILE B 304 15.01 34.96 25.27
CA ILE B 304 13.86 34.47 26.02
C ILE B 304 13.99 34.76 27.51
N LYS B 305 15.18 34.55 28.05
CA LYS B 305 15.43 34.79 29.46
C LYS B 305 15.08 36.25 29.73
N GLU B 306 15.37 37.10 28.75
CA GLU B 306 15.06 38.51 28.88
C GLU B 306 13.56 38.76 28.93
N ARG B 307 12.91 38.61 27.78
CA ARG B 307 11.47 38.83 27.66
C ARG B 307 10.71 38.07 28.74
N THR B 308 11.28 36.96 29.20
CA THR B 308 10.67 36.17 30.25
C THR B 308 10.36 37.10 31.40
N ALA B 309 11.40 37.75 31.91
CA ALA B 309 11.26 38.69 33.01
C ALA B 309 10.23 39.75 32.69
N LYS B 310 10.24 40.20 31.43
CA LYS B 310 9.30 41.22 30.98
C LYS B 310 7.85 40.80 31.16
N GLY B 311 7.60 39.50 31.28
CA GLY B 311 6.25 39.00 31.46
C GLY B 311 5.57 38.58 30.16
N GLN B 312 6.39 38.32 29.15
CA GLN B 312 5.92 37.93 27.83
C GLN B 312 6.26 36.47 27.56
N PRO B 313 5.30 35.69 27.07
CA PRO B 313 5.48 34.26 26.75
C PRO B 313 6.28 34.11 25.47
N VAL B 314 6.93 32.96 25.29
CA VAL B 314 7.72 32.76 24.07
C VAL B 314 7.86 31.30 23.63
N LEU B 315 7.41 31.02 22.41
CA LEU B 315 7.47 29.68 21.86
C LEU B 315 8.64 29.61 20.90
N VAL B 316 9.30 28.46 20.88
CA VAL B 316 10.44 28.25 20.01
C VAL B 316 10.11 27.14 19.05
N GLY B 317 10.55 27.25 17.81
CA GLY B 317 10.27 26.20 16.86
C GLY B 317 11.58 25.62 16.41
N THR B 318 11.63 24.30 16.20
CA THR B 318 12.84 23.64 15.75
C THR B 318 12.46 22.83 14.52
N ILE B 319 13.42 22.52 13.65
CA ILE B 319 13.11 21.75 12.45
C ILE B 319 12.80 20.30 12.79
N SER B 320 13.55 19.73 13.72
CA SER B 320 13.34 18.34 14.10
C SER B 320 13.60 18.15 15.58
N ILE B 321 13.18 17.00 16.09
CA ILE B 321 13.38 16.66 17.50
C ILE B 321 14.86 16.78 17.83
N GLU B 322 15.69 16.50 16.83
CA GLU B 322 17.14 16.58 16.96
C GLU B 322 17.53 17.87 17.66
N LYS B 323 17.40 18.97 16.92
CA LYS B 323 17.75 20.28 17.45
C LYS B 323 16.86 20.62 18.63
N SER B 324 15.65 20.06 18.64
CA SER B 324 14.70 20.33 19.71
C SER B 324 15.24 19.88 21.07
N GLU B 325 15.87 18.70 21.09
CA GLU B 325 16.43 18.16 22.31
C GLU B 325 17.60 19.02 22.75
N LEU B 326 18.50 19.29 21.82
CA LEU B 326 19.70 20.08 22.07
C LEU B 326 19.38 21.44 22.67
N VAL B 327 18.48 22.18 22.01
CA VAL B 327 18.08 23.50 22.48
C VAL B 327 17.34 23.42 23.81
N SER B 328 16.75 22.26 24.09
CA SER B 328 16.01 22.05 25.33
C SER B 328 16.94 22.01 26.53
N ASN B 329 18.09 21.36 26.37
CA ASN B 329 19.08 21.26 27.43
C ASN B 329 19.80 22.60 27.59
N GLU B 330 20.25 23.16 26.48
CA GLU B 330 20.94 24.45 26.49
C GLU B 330 20.06 25.52 27.13
N LEU B 331 18.75 25.30 27.08
CA LEU B 331 17.78 26.25 27.62
C LEU B 331 17.54 26.01 29.11
N THR B 332 17.63 24.75 29.53
CA THR B 332 17.42 24.40 30.92
C THR B 332 18.73 24.62 31.67
N LYS B 333 19.83 24.58 30.93
CA LYS B 333 21.16 24.77 31.49
C LYS B 333 21.36 26.21 31.97
N ALA B 334 20.70 27.15 31.30
CA ALA B 334 20.81 28.56 31.69
C ALA B 334 19.79 28.84 32.78
N GLY B 335 19.33 27.77 33.42
CA GLY B 335 18.36 27.91 34.48
C GLY B 335 17.03 28.48 34.00
N ILE B 336 16.37 27.75 33.12
CA ILE B 336 15.09 28.20 32.57
C ILE B 336 14.08 27.05 32.44
N LYS B 337 13.01 27.12 33.22
CA LYS B 337 11.98 26.09 33.17
C LYS B 337 11.15 26.22 31.91
N HIS B 338 11.44 25.40 30.92
CA HIS B 338 10.74 25.41 29.65
C HIS B 338 9.89 24.18 29.46
N ASN B 339 9.40 24.01 28.23
CA ASN B 339 8.57 22.87 27.87
C ASN B 339 8.96 22.34 26.50
N VAL B 340 8.69 21.06 26.25
CA VAL B 340 9.04 20.48 24.96
C VAL B 340 7.96 19.58 24.37
N LEU B 341 7.70 19.78 23.09
CA LEU B 341 6.70 19.01 22.37
C LEU B 341 7.39 18.43 21.14
N ASN B 342 7.27 17.13 20.93
CA ASN B 342 7.92 16.47 19.79
C ASN B 342 6.92 15.82 18.83
N ALA B 343 5.67 16.27 18.88
CA ALA B 343 4.65 15.69 18.01
C ALA B 343 4.49 14.20 18.26
N LYS B 344 4.66 13.76 19.51
CA LYS B 344 4.49 12.35 19.85
C LYS B 344 3.14 12.14 20.49
N PHE B 345 2.89 12.84 21.60
CA PHE B 345 1.61 12.75 22.31
C PHE B 345 0.80 13.99 22.01
N HIS B 346 0.19 14.00 20.83
CA HIS B 346 -0.61 15.14 20.42
C HIS B 346 -1.56 15.58 21.51
N ALA B 347 -2.27 14.60 22.07
CA ALA B 347 -3.24 14.86 23.13
C ALA B 347 -2.66 15.71 24.26
N ASN B 348 -1.57 15.25 24.86
CA ASN B 348 -0.93 15.99 25.93
C ASN B 348 -0.30 17.32 25.50
N GLU B 349 0.56 17.25 24.48
CA GLU B 349 1.17 18.45 23.92
C GLU B 349 0.10 19.52 23.72
N ALA B 350 -1.04 19.11 23.17
CA ALA B 350 -2.12 20.05 22.92
C ALA B 350 -2.53 20.76 24.20
N ALA B 351 -2.65 20.01 25.28
CA ALA B 351 -3.03 20.59 26.56
C ALA B 351 -2.01 21.66 26.95
N ILE B 352 -0.74 21.39 26.69
CA ILE B 352 0.32 22.31 27.02
C ILE B 352 0.41 23.51 26.09
N VAL B 353 0.27 23.29 24.78
CA VAL B 353 0.35 24.39 23.83
C VAL B 353 -0.76 25.40 24.09
N ALA B 354 -1.89 24.91 24.57
CA ALA B 354 -3.06 25.75 24.85
C ALA B 354 -2.83 26.70 26.02
N GLN B 355 -1.70 26.53 26.72
CA GLN B 355 -1.38 27.38 27.85
C GLN B 355 -0.03 28.09 27.69
N ALA B 356 0.57 27.97 26.52
CA ALA B 356 1.85 28.62 26.25
C ALA B 356 1.64 30.11 26.13
N GLY B 357 0.41 30.56 26.40
CA GLY B 357 0.10 31.98 26.33
C GLY B 357 0.17 32.66 27.68
N TYR B 358 0.58 31.90 28.70
CA TYR B 358 0.69 32.41 30.06
C TYR B 358 1.88 33.38 30.13
N PRO B 359 1.66 34.58 30.69
CA PRO B 359 2.68 35.64 30.84
C PRO B 359 4.11 35.17 31.01
N ALA B 360 4.29 34.09 31.75
CA ALA B 360 5.60 33.53 31.97
C ALA B 360 5.51 32.14 31.41
N ALA B 361 5.80 32.00 30.12
CA ALA B 361 5.72 30.70 29.49
C ALA B 361 6.74 30.53 28.39
N VAL B 362 7.40 29.38 28.39
CA VAL B 362 8.39 29.07 27.38
C VAL B 362 8.12 27.67 26.88
N THR B 363 7.93 27.55 25.57
CA THR B 363 7.65 26.27 24.96
C THR B 363 8.54 26.06 23.76
N ILE B 364 9.01 24.83 23.60
CA ILE B 364 9.86 24.46 22.47
C ILE B 364 9.08 23.42 21.69
N ALA B 365 8.65 23.78 20.50
CA ALA B 365 7.89 22.87 19.69
C ALA B 365 8.66 22.47 18.44
N THR B 366 8.30 21.32 17.90
CA THR B 366 8.95 20.86 16.69
C THR B 366 8.06 21.20 15.49
N ASN B 367 8.43 20.68 14.33
CA ASN B 367 7.69 20.93 13.11
C ASN B 367 6.16 20.89 13.30
N MET B 368 5.65 19.71 13.63
CA MET B 368 4.21 19.54 13.82
C MET B 368 3.93 19.20 15.28
N ALA B 369 4.43 20.04 16.18
CA ALA B 369 4.28 19.83 17.61
C ALA B 369 2.86 19.95 18.14
N GLY B 370 2.40 21.18 18.32
CA GLY B 370 1.07 21.41 18.83
C GLY B 370 0.22 22.09 17.80
N ARG B 371 0.46 21.76 16.54
CA ARG B 371 -0.29 22.38 15.45
C ARG B 371 -1.76 22.13 15.64
N GLY B 372 -2.56 23.20 15.55
CA GLY B 372 -3.98 23.04 15.68
C GLY B 372 -4.62 23.62 16.92
N THR B 373 -3.83 23.85 17.95
CA THR B 373 -4.34 24.41 19.20
C THR B 373 -4.08 25.92 19.27
N ASP B 374 -5.15 26.69 19.36
CA ASP B 374 -5.05 28.15 19.43
C ASP B 374 -4.46 28.61 20.76
N ILE B 375 -3.36 29.36 20.68
CA ILE B 375 -2.67 29.85 21.87
C ILE B 375 -3.18 31.22 22.32
N VAL B 376 -4.13 31.22 23.26
CA VAL B 376 -4.72 32.46 23.77
C VAL B 376 -3.75 33.22 24.68
N LEU B 377 -3.63 34.53 24.43
CA LEU B 377 -2.74 35.37 25.22
C LEU B 377 -3.20 35.42 26.67
N GLY B 378 -2.32 34.98 27.56
CA GLY B 378 -2.64 34.99 28.98
C GLY B 378 -3.14 33.68 29.52
N GLY B 379 -3.06 32.63 28.72
CA GLY B 379 -3.52 31.31 29.15
C GLY B 379 -4.94 31.03 28.73
N SER B 380 -5.36 29.78 28.84
CA SER B 380 -6.72 29.40 28.47
C SER B 380 -7.48 28.94 29.70
N TRP B 381 -8.41 29.78 30.15
CA TRP B 381 -9.21 29.50 31.33
C TRP B 381 -10.17 28.34 31.16
N GLN B 382 -10.51 28.03 29.92
CA GLN B 382 -11.43 26.92 29.66
C GLN B 382 -10.84 25.62 30.15
N ALA B 383 -9.52 25.49 30.04
CA ALA B 383 -8.85 24.29 30.51
C ALA B 383 -8.88 24.34 32.02
N GLU B 384 -9.06 25.54 32.55
CA GLU B 384 -9.12 25.75 34.00
C GLU B 384 -10.48 25.34 34.55
N VAL B 385 -11.54 25.74 33.86
CA VAL B 385 -12.89 25.41 34.30
C VAL B 385 -13.21 23.93 34.06
N ALA B 386 -12.69 23.37 32.97
CA ALA B 386 -12.91 21.96 32.65
C ALA B 386 -12.07 21.10 33.57
N ALA B 387 -11.33 21.75 34.48
CA ALA B 387 -10.49 21.07 35.43
C ALA B 387 -11.02 21.32 36.83
N LEU B 388 -12.33 21.17 37.00
CA LEU B 388 -12.98 21.38 38.29
C LEU B 388 -14.31 20.61 38.31
N GLU B 389 -14.31 19.48 39.02
CA GLU B 389 -15.50 18.63 39.11
C GLU B 389 -16.76 19.41 39.49
N ASN B 390 -16.58 20.60 40.07
CA ASN B 390 -17.72 21.41 40.48
C ASN B 390 -17.90 22.61 39.56
N PRO B 391 -18.67 22.44 38.47
CA PRO B 391 -18.94 23.51 37.49
C PRO B 391 -19.98 24.50 38.00
N THR B 392 -19.52 25.45 38.82
CA THR B 392 -20.40 26.49 39.39
C THR B 392 -20.09 27.87 38.84
N ALA B 393 -21.14 28.60 38.48
CA ALA B 393 -20.99 29.95 37.92
C ALA B 393 -20.25 30.90 38.86
N GLU B 394 -19.89 30.42 40.04
CA GLU B 394 -19.16 31.25 41.00
C GLU B 394 -17.66 31.25 40.80
N GLN B 395 -17.04 30.08 40.84
CA GLN B 395 -15.60 29.98 40.67
C GLN B 395 -15.15 30.45 39.28
N ILE B 396 -15.95 30.15 38.26
CA ILE B 396 -15.63 30.53 36.90
C ILE B 396 -15.36 32.03 36.78
N GLU B 397 -16.12 32.81 37.53
CA GLU B 397 -15.97 34.27 37.51
C GLU B 397 -14.60 34.70 37.98
N LYS B 398 -14.06 33.98 38.97
CA LYS B 398 -12.74 34.33 39.49
C LYS B 398 -11.64 33.70 38.65
N ILE B 399 -11.99 33.34 37.42
CA ILE B 399 -11.05 32.74 36.47
C ILE B 399 -11.21 33.46 35.14
N LYS B 400 -12.47 33.68 34.77
CA LYS B 400 -12.79 34.36 33.50
C LYS B 400 -12.44 35.84 33.63
N ALA B 401 -12.26 36.31 34.86
CA ALA B 401 -11.91 37.71 35.12
C ALA B 401 -10.48 37.75 35.62
N ASP B 402 -10.03 36.62 36.16
CA ASP B 402 -8.68 36.49 36.68
C ASP B 402 -7.77 36.35 35.46
N TRP B 403 -8.19 35.50 34.53
CA TRP B 403 -7.45 35.29 33.30
C TRP B 403 -7.36 36.62 32.59
N GLN B 404 -8.50 37.30 32.52
CA GLN B 404 -8.60 38.61 31.86
C GLN B 404 -7.46 39.56 32.23
N VAL B 405 -6.93 39.40 33.43
CA VAL B 405 -5.84 40.23 33.89
C VAL B 405 -4.56 39.82 33.19
N ARG B 406 -4.24 38.53 33.30
CA ARG B 406 -3.05 37.98 32.68
C ARG B 406 -3.04 38.36 31.20
N HIS B 407 -4.21 38.28 30.57
CA HIS B 407 -4.37 38.59 29.16
C HIS B 407 -3.88 39.99 28.78
N ASP B 408 -4.67 41.01 29.11
CA ASP B 408 -4.29 42.39 28.77
C ASP B 408 -2.84 42.70 29.16
N ALA B 409 -2.35 41.99 30.18
CA ALA B 409 -0.98 42.16 30.66
C ALA B 409 0.00 41.64 29.63
N VAL B 410 -0.25 40.41 29.15
CA VAL B 410 0.60 39.78 28.16
C VAL B 410 0.60 40.63 26.91
N LEU B 411 -0.57 41.15 26.56
CA LEU B 411 -0.69 42.00 25.38
C LEU B 411 0.23 43.21 25.51
N GLU B 412 0.03 44.00 26.56
CA GLU B 412 0.87 45.17 26.75
C GLU B 412 2.34 44.78 26.64
N ALA B 413 2.64 43.53 27.00
CA ALA B 413 4.02 43.03 26.94
C ALA B 413 4.38 42.53 25.55
N GLY B 414 3.67 43.03 24.54
CA GLY B 414 3.94 42.64 23.17
C GLY B 414 3.44 41.26 22.74
N GLY B 415 2.43 40.75 23.45
CA GLY B 415 1.86 39.45 23.12
C GLY B 415 2.86 38.33 23.06
N LEU B 416 2.54 37.29 22.30
CA LEU B 416 3.44 36.14 22.18
C LEU B 416 4.54 36.38 21.17
N HIS B 417 5.72 35.89 21.51
CA HIS B 417 6.89 36.03 20.66
C HIS B 417 7.41 34.64 20.30
N ILE B 418 7.54 34.35 19.02
CA ILE B 418 8.04 33.05 18.64
C ILE B 418 9.40 33.29 18.01
N ILE B 419 10.26 32.29 18.12
CA ILE B 419 11.61 32.37 17.60
C ILE B 419 11.99 31.11 16.86
N GLY B 420 12.16 31.23 15.54
CA GLY B 420 12.53 30.08 14.76
C GLY B 420 14.00 29.82 14.94
N THR B 421 14.36 28.59 15.31
CA THR B 421 15.76 28.26 15.51
C THR B 421 16.45 28.11 14.17
N GLU B 422 15.69 27.91 13.11
CA GLU B 422 16.30 27.75 11.79
C GLU B 422 15.27 27.70 10.67
N ARG B 423 15.56 28.39 9.58
CA ARG B 423 14.65 28.39 8.45
C ARG B 423 14.60 27.02 7.79
N HIS B 424 13.41 26.67 7.35
CA HIS B 424 13.17 25.40 6.70
C HIS B 424 13.35 25.55 5.19
N GLU B 425 13.47 24.44 4.49
CA GLU B 425 13.61 24.46 3.04
C GLU B 425 12.54 25.36 2.42
N SER B 426 11.34 25.30 2.99
CA SER B 426 10.21 26.07 2.51
C SER B 426 9.78 27.16 3.48
N ARG B 427 9.74 28.39 2.99
CA ARG B 427 9.33 29.51 3.81
C ARG B 427 7.94 29.27 4.36
N ARG B 428 7.10 28.66 3.52
CA ARG B 428 5.74 28.35 3.89
C ARG B 428 5.76 27.70 5.26
N ILE B 429 6.63 26.72 5.42
CA ILE B 429 6.74 26.02 6.69
C ILE B 429 7.12 26.96 7.81
N ASP B 430 8.18 27.73 7.64
CA ASP B 430 8.56 28.64 8.71
C ASP B 430 7.72 29.92 8.71
N ASN B 431 6.49 29.77 8.26
CA ASN B 431 5.51 30.86 8.23
C ASN B 431 4.43 30.33 9.15
N GLN B 432 4.30 29.01 9.17
CA GLN B 432 3.31 28.33 9.99
C GLN B 432 3.70 28.63 11.44
N LEU B 433 5.00 28.75 11.66
CA LEU B 433 5.52 29.05 12.97
C LEU B 433 5.06 30.44 13.40
N ARG B 434 5.37 31.43 12.57
CA ARG B 434 5.00 32.82 12.84
C ARG B 434 3.53 32.94 13.22
N GLY B 435 2.70 32.36 12.38
CA GLY B 435 1.27 32.37 12.59
C GLY B 435 0.79 31.96 13.97
N ARG B 436 1.54 31.08 14.66
CA ARG B 436 1.13 30.67 16.00
C ARG B 436 1.02 31.91 16.87
N SER B 437 1.47 33.04 16.34
CA SER B 437 1.46 34.30 17.07
C SER B 437 0.69 35.44 16.39
N GLY B 438 0.25 36.41 17.18
CA GLY B 438 -0.49 37.54 16.65
C GLY B 438 -1.82 37.22 15.98
N ARG B 439 -2.57 36.28 16.53
CA ARG B 439 -3.83 35.90 15.91
C ARG B 439 -5.02 36.77 16.34
N GLN B 440 -6.10 36.70 15.56
CA GLN B 440 -7.32 37.49 15.81
C GLN B 440 -6.96 38.92 16.21
N GLY B 441 -5.93 39.47 15.60
CA GLY B 441 -5.52 40.82 15.91
C GLY B 441 -4.49 41.02 17.01
N ASP B 442 -4.12 39.95 17.70
CA ASP B 442 -3.15 40.02 18.79
C ASP B 442 -1.81 40.62 18.42
N ALA B 443 -1.27 41.36 19.37
CA ALA B 443 0.03 42.01 19.18
C ALA B 443 1.07 41.01 19.63
N GLY B 444 1.97 40.62 18.74
CA GLY B 444 3.01 39.67 19.10
C GLY B 444 4.20 39.93 18.21
N SER B 445 5.18 39.04 18.22
CA SER B 445 6.36 39.24 17.39
C SER B 445 7.05 37.92 17.07
N SER B 446 7.84 37.91 16.00
CA SER B 446 8.56 36.71 15.61
C SER B 446 9.96 37.05 15.19
N ARG B 447 10.88 36.13 15.44
CA ARG B 447 12.29 36.30 15.12
C ARG B 447 12.87 34.99 14.61
N PHE B 448 13.79 35.08 13.67
CA PHE B 448 14.44 33.90 13.14
C PHE B 448 15.94 34.01 13.36
N TYR B 449 16.52 32.96 13.90
CA TYR B 449 17.95 32.94 14.17
C TYR B 449 18.63 31.95 13.24
N LEU B 450 19.32 32.48 12.24
CA LEU B 450 20.02 31.65 11.28
C LEU B 450 21.49 31.51 11.65
N SER B 451 22.23 30.73 10.87
CA SER B 451 23.66 30.53 11.08
C SER B 451 24.34 31.05 9.82
N MET B 452 25.63 31.32 9.90
CA MET B 452 26.36 31.83 8.74
C MET B 452 26.38 30.79 7.63
N GLU B 453 26.58 29.53 8.01
CA GLU B 453 26.61 28.44 7.04
C GLU B 453 25.20 28.17 6.52
N ASP B 454 24.44 29.25 6.39
CA ASP B 454 23.08 29.19 5.89
C ASP B 454 22.78 30.49 5.18
N ALA B 455 22.98 31.60 5.90
CA ALA B 455 22.73 32.94 5.35
C ALA B 455 23.36 33.09 3.97
N LEU B 456 24.27 32.19 3.64
CA LEU B 456 24.91 32.23 2.34
C LEU B 456 23.92 31.65 1.34
N MET B 457 22.72 32.23 1.32
CA MET B 457 21.68 31.78 0.41
C MET B 457 22.15 32.19 -0.98
N ARG B 458 22.64 31.21 -1.75
CA ARG B 458 23.13 31.48 -3.09
C ARG B 458 22.78 30.30 -4.00
#